data_4TKG
#
_entry.id   4TKG
#
_cell.length_a   73.790
_cell.length_b   79.390
_cell.length_c   153.940
_cell.angle_alpha   90.000
_cell.angle_beta   90.000
_cell.angle_gamma   90.000
#
_symmetry.space_group_name_H-M   'P 21 21 21'
#
loop_
_entity.id
_entity.type
_entity.pdbx_description
1 polymer Tankyrase-2
2 non-polymer 'ZINC ION'
3 non-polymer 4-(3-{[4-(cyclopropylcarbonyl)piperazin-1-yl]carbonyl}-4-fluorobenzyl)phthalazin-1(2H)-one
4 non-polymer GLYCEROL
5 water water
#
_entity_poly.entity_id   1
_entity_poly.type   'polypeptide(L)'
_entity_poly.pdbx_seq_one_letter_code
;MGSSHHHHHHSSGRENLYFQGSPDDKEFQSVEEEMQSTVREHRDGGHAGGIFNRYNILKIQKVCNKKLWERYTHRRKEVS
EENHNHANERMLFHGSPFVNAIIHKGFDERHAYIGGMFGAGIYFAENSSKSNQYVYGIGGGTGCPVHKDRSCYICHRQLL
FCRVTLGKSFLQFSAMKMAHSPPGHHSVTGRPSVNGLALAEYVIYRGEQAYPEYLITYQIMRPEGMV
;
_entity_poly.pdbx_strand_id   A,B,C,D
#
loop_
_chem_comp.id
_chem_comp.type
_chem_comp.name
_chem_comp.formula
09L non-polymer 4-(3-{[4-(cyclopropylcarbonyl)piperazin-1-yl]carbonyl}-4-fluorobenzyl)phthalazin-1(2H)-one 'C24 H23 F N4 O3'
GOL non-polymer GLYCEROL 'C3 H8 O3'
ZN non-polymer 'ZINC ION' 'Zn 2'
#
# COMPACT_ATOMS: atom_id res chain seq x y z
N ASP A 25 30.74 -28.59 30.64
CA ASP A 25 30.38 -27.18 30.69
C ASP A 25 29.49 -26.87 31.91
N LYS A 26 29.93 -25.87 32.72
CA LYS A 26 29.24 -25.40 33.92
C LYS A 26 28.06 -24.50 33.56
N GLU A 27 28.15 -23.82 32.40
CA GLU A 27 27.11 -22.95 31.84
C GLU A 27 25.86 -23.81 31.62
N PHE A 28 26.04 -24.95 30.92
CA PHE A 28 25.01 -25.94 30.63
C PHE A 28 24.46 -26.61 31.89
N GLN A 29 25.35 -26.90 32.88
CA GLN A 29 24.94 -27.45 34.18
C GLN A 29 24.01 -26.45 34.91
N SER A 30 24.32 -25.16 34.80
CA SER A 30 23.51 -24.09 35.39
C SER A 30 22.11 -24.05 34.75
N VAL A 31 22.04 -24.25 33.41
CA VAL A 31 20.76 -24.26 32.68
C VAL A 31 19.96 -25.52 33.07
N GLU A 32 20.62 -26.70 33.14
CA GLU A 32 19.96 -27.93 33.58
C GLU A 32 19.41 -27.78 35.02
N GLU A 33 20.19 -27.18 35.93
CA GLU A 33 19.74 -26.96 37.31
C GLU A 33 18.52 -26.03 37.37
N GLU A 34 18.49 -24.93 36.55
CA GLU A 34 17.34 -24.03 36.50
C GLU A 34 16.10 -24.77 36.01
N MET A 35 16.28 -25.63 34.99
CA MET A 35 15.21 -26.43 34.44
C MET A 35 14.65 -27.43 35.51
N GLN A 36 15.54 -28.21 36.14
CA GLN A 36 15.14 -29.20 37.13
C GLN A 36 14.50 -28.61 38.39
N SER A 37 15.18 -27.62 38.98
CA SER A 37 14.77 -27.03 40.23
C SER A 37 13.49 -26.21 40.22
N THR A 38 13.05 -25.73 39.02
CA THR A 38 11.85 -24.88 38.95
C THR A 38 10.56 -25.64 38.66
N VAL A 39 10.63 -26.98 38.58
CA VAL A 39 9.45 -27.84 38.38
C VAL A 39 8.53 -27.67 39.58
N ARG A 40 7.23 -27.59 39.34
CA ARG A 40 6.20 -27.46 40.37
C ARG A 40 5.07 -28.42 40.07
N GLU A 41 4.27 -28.73 41.09
CA GLU A 41 3.09 -29.59 40.96
C GLU A 41 1.98 -28.71 40.39
N HIS A 42 1.44 -29.06 39.22
CA HIS A 42 0.40 -28.25 38.57
C HIS A 42 -1.02 -28.62 39.00
N ARG A 43 -1.86 -27.59 39.20
CA ARG A 43 -3.27 -27.69 39.63
C ARG A 43 -4.11 -28.57 38.71
N ASP A 44 -3.78 -28.58 37.41
CA ASP A 44 -4.50 -29.37 36.40
C ASP A 44 -4.16 -30.89 36.45
N GLY A 45 -3.34 -31.29 37.44
CA GLY A 45 -2.88 -32.66 37.67
C GLY A 45 -2.09 -33.26 36.53
N GLY A 46 -1.41 -32.41 35.72
CA GLY A 46 -0.62 -32.84 34.59
C GLY A 46 -1.37 -32.95 33.28
N HIS A 47 -2.62 -32.47 33.23
CA HIS A 47 -3.42 -32.56 32.01
C HIS A 47 -2.73 -31.91 30.81
N ALA A 48 -2.24 -30.66 30.98
CA ALA A 48 -1.59 -29.90 29.91
C ALA A 48 -0.18 -30.37 29.57
N GLY A 49 0.69 -30.48 30.57
CA GLY A 49 2.10 -30.80 30.33
C GLY A 49 2.58 -32.22 30.62
N GLY A 50 1.76 -33.02 31.29
CA GLY A 50 2.12 -34.38 31.63
C GLY A 50 2.44 -34.59 33.09
N ILE A 51 2.61 -35.86 33.47
CA ILE A 51 2.90 -36.24 34.85
C ILE A 51 4.39 -36.53 34.98
N PHE A 52 5.08 -35.75 35.81
CA PHE A 52 6.53 -35.86 35.99
C PHE A 52 6.96 -35.04 37.19
N ASN A 53 8.15 -35.33 37.69
CA ASN A 53 8.78 -34.58 38.77
C ASN A 53 10.12 -34.03 38.27
N ARG A 54 10.63 -34.59 37.17
CA ARG A 54 11.92 -34.21 36.60
C ARG A 54 11.94 -34.49 35.12
N TYR A 55 13.00 -34.04 34.46
CA TYR A 55 13.18 -34.23 33.02
C TYR A 55 14.40 -35.05 32.75
N ASN A 56 14.49 -35.54 31.52
CA ASN A 56 15.71 -36.12 31.02
C ASN A 56 16.23 -35.08 30.01
N ILE A 57 17.21 -34.26 30.41
CA ILE A 57 17.78 -33.24 29.52
C ILE A 57 18.70 -33.89 28.49
N LEU A 58 18.33 -33.80 27.22
CA LEU A 58 19.10 -34.44 26.15
C LEU A 58 20.18 -33.57 25.55
N LYS A 59 19.86 -32.27 25.35
CA LYS A 59 20.77 -31.33 24.68
C LYS A 59 20.43 -29.94 25.11
N ILE A 60 21.47 -29.10 25.25
CA ILE A 60 21.33 -27.67 25.54
C ILE A 60 22.19 -26.97 24.49
N GLN A 61 21.56 -26.17 23.63
CA GLN A 61 22.28 -25.47 22.58
C GLN A 61 22.19 -23.98 22.81
N LYS A 62 23.32 -23.29 22.72
CA LYS A 62 23.36 -21.86 22.85
C LYS A 62 23.02 -21.31 21.49
N VAL A 63 22.04 -20.38 21.46
CA VAL A 63 21.60 -19.78 20.20
C VAL A 63 22.45 -18.53 19.99
N CYS A 64 23.07 -18.43 18.83
CA CYS A 64 23.91 -17.28 18.48
C CYS A 64 23.37 -16.71 17.19
N ASN A 65 22.46 -15.76 17.33
CA ASN A 65 21.85 -15.08 16.21
C ASN A 65 22.22 -13.62 16.41
N LYS A 66 23.29 -13.18 15.72
CA LYS A 66 23.84 -11.84 15.87
C LYS A 66 22.86 -10.71 15.63
N LYS A 67 22.00 -10.85 14.61
CA LYS A 67 20.97 -9.85 14.30
C LYS A 67 19.96 -9.71 15.47
N LEU A 68 19.49 -10.85 16.03
CA LEU A 68 18.56 -10.85 17.15
C LEU A 68 19.21 -10.32 18.40
N TRP A 69 20.51 -10.64 18.62
CA TRP A 69 21.24 -10.16 19.78
C TRP A 69 21.43 -8.65 19.73
N GLU A 70 21.72 -8.08 18.53
CA GLU A 70 21.88 -6.62 18.36
C GLU A 70 20.55 -5.90 18.61
N ARG A 71 19.41 -6.44 18.11
CA ARG A 71 18.07 -5.88 18.35
C ARG A 71 17.78 -5.89 19.85
N TYR A 72 18.10 -7.03 20.51
CA TYR A 72 17.91 -7.18 21.94
C TYR A 72 18.72 -6.17 22.77
N THR A 73 20.04 -6.12 22.58
CA THR A 73 20.90 -5.22 23.37
C THR A 73 20.61 -3.75 23.09
N HIS A 74 20.20 -3.41 21.85
CA HIS A 74 19.85 -2.03 21.53
C HIS A 74 18.62 -1.62 22.35
N ARG A 75 17.60 -2.48 22.40
CA ARG A 75 16.39 -2.23 23.18
C ARG A 75 16.70 -2.25 24.69
N ARG A 76 17.56 -3.19 25.12
CA ARG A 76 17.91 -3.32 26.55
C ARG A 76 18.52 -2.01 27.07
N LYS A 77 19.42 -1.40 26.27
CA LYS A 77 20.04 -0.10 26.60
C LYS A 77 18.98 1.00 26.71
N GLU A 78 18.02 1.08 25.76
CA GLU A 78 16.93 2.07 25.84
C GLU A 78 16.10 1.91 27.12
N VAL A 79 15.72 0.64 27.43
CA VAL A 79 14.89 0.37 28.61
C VAL A 79 15.71 0.75 29.88
N SER A 80 17.01 0.36 29.95
CA SER A 80 17.92 0.68 31.08
C SER A 80 17.92 2.19 31.34
N GLU A 81 18.04 3.00 30.27
CA GLU A 81 18.04 4.46 30.35
C GLU A 81 16.72 5.02 30.87
N GLU A 82 15.62 4.32 30.64
CA GLU A 82 14.29 4.72 31.12
C GLU A 82 13.98 4.09 32.49
N ASN A 83 14.89 3.30 33.03
CA ASN A 83 14.61 2.61 34.29
C ASN A 83 15.82 2.75 35.25
N HIS A 84 16.27 3.99 35.47
CA HIS A 84 17.35 4.30 36.41
C HIS A 84 18.64 3.48 36.15
N ASN A 85 19.04 3.33 34.87
CA ASN A 85 20.22 2.58 34.44
C ASN A 85 20.13 1.06 34.79
N HIS A 86 18.89 0.52 34.87
CA HIS A 86 18.70 -0.88 35.23
C HIS A 86 17.74 -1.55 34.20
N ALA A 87 18.25 -2.53 33.48
CA ALA A 87 17.44 -3.25 32.48
C ALA A 87 16.36 -4.15 33.12
N ASN A 88 16.60 -4.60 34.38
CA ASN A 88 15.78 -5.56 35.10
C ASN A 88 15.63 -6.85 34.19
N GLU A 89 16.76 -7.35 33.76
CA GLU A 89 16.87 -8.54 32.93
C GLU A 89 16.77 -9.82 33.77
N ARG A 90 15.95 -10.80 33.30
CA ARG A 90 15.79 -12.09 33.96
C ARG A 90 15.92 -13.22 32.94
N MET A 91 16.35 -14.42 33.39
CA MET A 91 16.40 -15.60 32.54
C MET A 91 15.08 -16.30 32.78
N LEU A 92 14.27 -16.45 31.72
CA LEU A 92 12.93 -17.03 31.86
C LEU A 92 12.65 -18.09 30.77
N PHE A 93 11.70 -18.97 31.01
CA PHE A 93 11.33 -20.03 30.07
C PHE A 93 10.24 -19.63 29.15
N HIS A 94 10.26 -20.19 27.93
CA HIS A 94 9.18 -20.01 26.97
C HIS A 94 8.99 -21.32 26.23
N GLY A 95 7.78 -21.85 26.29
CA GLY A 95 7.43 -23.07 25.58
C GLY A 95 6.47 -22.74 24.47
N SER A 96 6.69 -23.28 23.27
CA SER A 96 5.87 -23.00 22.12
C SER A 96 6.09 -24.00 21.02
N PRO A 97 5.07 -24.31 20.18
CA PRO A 97 5.34 -25.17 19.00
C PRO A 97 6.17 -24.43 17.95
N PHE A 98 6.37 -23.11 18.13
CA PHE A 98 7.07 -22.28 17.15
C PHE A 98 8.47 -21.89 17.54
N VAL A 99 9.12 -22.71 18.37
CA VAL A 99 10.46 -22.46 18.86
C VAL A 99 11.48 -22.28 17.77
N ASN A 100 11.35 -23.03 16.66
CA ASN A 100 12.29 -22.94 15.55
C ASN A 100 12.18 -21.64 14.74
N ALA A 101 10.95 -21.11 14.59
CA ALA A 101 10.74 -19.81 13.97
C ALA A 101 11.30 -18.68 14.91
N ILE A 102 11.11 -18.84 16.24
CA ILE A 102 11.59 -17.85 17.24
C ILE A 102 13.12 -17.73 17.19
N ILE A 103 13.82 -18.86 17.09
CA ILE A 103 15.28 -18.90 17.03
C ILE A 103 15.84 -18.15 15.81
N HIS A 104 15.13 -18.22 14.70
CA HIS A 104 15.53 -17.57 13.45
C HIS A 104 15.11 -16.13 13.32
N LYS A 105 13.83 -15.84 13.65
CA LYS A 105 13.24 -14.53 13.47
C LYS A 105 13.04 -13.71 14.74
N GLY A 106 13.15 -14.33 15.91
CA GLY A 106 12.95 -13.66 17.19
C GLY A 106 11.51 -13.73 17.61
N PHE A 107 11.21 -13.25 18.83
CA PHE A 107 9.85 -13.19 19.34
C PHE A 107 9.15 -12.08 18.57
N ASP A 108 7.89 -12.30 18.22
CA ASP A 108 7.17 -11.35 17.41
C ASP A 108 5.85 -11.01 18.06
N GLU A 109 5.68 -9.78 18.56
CA GLU A 109 4.42 -9.33 19.18
C GLU A 109 3.24 -9.31 18.17
N ARG A 110 3.52 -9.33 16.87
CA ARG A 110 2.43 -9.39 15.87
C ARG A 110 1.71 -10.76 15.94
N HIS A 111 2.34 -11.77 16.57
CA HIS A 111 1.79 -13.11 16.84
C HIS A 111 1.55 -13.30 18.38
N ALA A 112 1.42 -12.19 19.14
CA ALA A 112 1.21 -12.23 20.61
C ALA A 112 -0.04 -13.01 21.01
N TYR A 113 -0.09 -13.46 22.29
CA TYR A 113 -1.18 -14.26 22.86
C TYR A 113 -2.38 -13.36 23.24
N ILE A 114 -3.31 -13.12 22.27
CA ILE A 114 -4.50 -12.27 22.49
C ILE A 114 -5.37 -12.79 23.66
N GLY A 115 -5.60 -14.11 23.68
CA GLY A 115 -6.38 -14.77 24.72
C GLY A 115 -5.71 -14.80 26.09
N GLY A 116 -4.50 -14.25 26.16
CA GLY A 116 -3.71 -14.23 27.39
C GLY A 116 -4.32 -13.41 28.48
N MET A 117 -4.07 -13.81 29.73
CA MET A 117 -4.56 -13.12 30.93
C MET A 117 -4.21 -11.63 30.91
N PHE A 118 -3.02 -11.27 30.38
CA PHE A 118 -2.58 -9.89 30.33
C PHE A 118 -2.59 -9.28 28.91
N GLY A 119 -3.48 -9.80 28.08
CA GLY A 119 -3.65 -9.30 26.72
C GLY A 119 -2.57 -9.75 25.75
N ALA A 120 -2.43 -8.97 24.67
CA ALA A 120 -1.58 -9.22 23.52
C ALA A 120 -0.09 -9.04 23.73
N GLY A 121 0.50 -9.92 24.51
CA GLY A 121 1.94 -9.88 24.75
C GLY A 121 2.60 -11.22 24.52
N ILE A 122 3.90 -11.26 24.78
CA ILE A 122 4.77 -12.44 24.66
C ILE A 122 4.98 -12.90 26.10
N TYR A 123 4.63 -14.15 26.39
CA TYR A 123 4.58 -14.71 27.75
C TYR A 123 5.73 -15.63 28.10
N PHE A 124 6.24 -15.46 29.35
CA PHE A 124 7.32 -16.24 29.90
C PHE A 124 6.98 -16.70 31.30
N ALA A 125 7.63 -17.78 31.76
CA ALA A 125 7.46 -18.31 33.12
C ALA A 125 8.82 -18.41 33.80
N GLU A 126 8.86 -18.31 35.13
CA GLU A 126 10.12 -18.58 35.85
C GLU A 126 10.16 -20.08 36.25
N ASN A 127 9.06 -20.82 36.02
CA ASN A 127 8.98 -22.27 36.33
C ASN A 127 8.98 -23.03 35.01
N SER A 128 10.01 -23.87 34.78
CA SER A 128 10.13 -24.65 33.55
C SER A 128 8.88 -25.51 33.25
N SER A 129 8.25 -26.06 34.29
CA SER A 129 7.06 -26.90 34.14
C SER A 129 5.82 -26.11 33.69
N LYS A 130 5.75 -24.80 34.01
CA LYS A 130 4.65 -23.95 33.50
C LYS A 130 4.83 -23.79 31.97
N SER A 131 6.06 -23.45 31.51
CA SER A 131 6.34 -23.34 30.07
C SER A 131 6.17 -24.67 29.34
N ASN A 132 6.48 -25.82 30.02
CA ASN A 132 6.30 -27.16 29.45
C ASN A 132 4.81 -27.42 29.03
N GLN A 133 3.87 -26.75 29.70
CA GLN A 133 2.42 -26.87 29.42
C GLN A 133 2.02 -26.29 28.08
N TYR A 134 2.92 -25.52 27.44
CA TYR A 134 2.65 -24.83 26.19
C TYR A 134 3.41 -25.33 25.00
N VAL A 135 4.34 -26.26 25.24
CA VAL A 135 5.19 -26.82 24.20
C VAL A 135 4.41 -27.41 23.00
N TYR A 136 3.30 -28.12 23.28
CA TYR A 136 2.50 -28.69 22.20
C TYR A 136 1.25 -27.86 21.84
N GLY A 137 1.14 -26.64 22.39
CA GLY A 137 0.00 -25.75 22.17
C GLY A 137 -0.64 -25.30 23.46
N ILE A 138 -1.73 -24.53 23.37
CA ILE A 138 -2.47 -24.03 24.57
C ILE A 138 -3.08 -25.20 25.31
N GLY A 139 -2.81 -25.28 26.61
CA GLY A 139 -3.25 -26.38 27.44
C GLY A 139 -2.66 -27.71 26.98
N GLY A 140 -1.49 -27.64 26.33
CA GLY A 140 -0.80 -28.80 25.80
C GLY A 140 -1.32 -29.31 24.47
N GLY A 141 -2.31 -28.61 23.88
CA GLY A 141 -2.93 -28.98 22.61
C GLY A 141 -3.38 -30.43 22.60
N THR A 142 -3.07 -31.14 21.50
CA THR A 142 -3.37 -32.59 21.40
C THR A 142 -2.12 -33.43 21.71
N GLY A 143 -1.08 -32.81 22.29
CA GLY A 143 0.15 -33.50 22.67
C GLY A 143 1.13 -33.67 21.55
N CYS A 144 2.01 -34.67 21.70
CA CYS A 144 3.05 -34.95 20.72
C CYS A 144 2.44 -35.25 19.32
N PRO A 145 3.14 -34.86 18.23
CA PRO A 145 2.60 -35.15 16.88
C PRO A 145 2.43 -36.63 16.54
N VAL A 146 3.25 -37.52 17.14
CA VAL A 146 3.23 -38.96 16.87
C VAL A 146 2.22 -39.79 17.65
N HIS A 147 2.11 -39.58 18.97
CA HIS A 147 1.22 -40.38 19.81
C HIS A 147 -0.03 -39.65 20.29
N LYS A 148 -0.15 -38.35 19.99
CA LYS A 148 -1.27 -37.50 20.45
C LYS A 148 -1.39 -37.59 21.98
N ASP A 149 -0.23 -37.62 22.67
CA ASP A 149 -0.17 -37.77 24.12
C ASP A 149 0.47 -36.51 24.74
N ARG A 150 -0.25 -35.84 25.65
CA ARG A 150 0.22 -34.64 26.35
C ARG A 150 1.24 -35.01 27.41
N SER A 151 1.21 -36.29 27.86
CA SER A 151 2.15 -36.84 28.84
C SER A 151 3.15 -37.80 28.21
N CYS A 152 3.43 -37.67 26.88
CA CYS A 152 4.37 -38.53 26.17
C CYS A 152 5.74 -38.47 26.83
N TYR A 153 6.32 -39.65 27.14
CA TYR A 153 7.64 -39.78 27.76
C TYR A 153 8.68 -40.15 26.76
N ILE A 154 8.25 -40.40 25.52
CA ILE A 154 9.06 -40.84 24.39
C ILE A 154 9.55 -39.69 23.52
N CYS A 155 8.59 -38.85 23.06
CA CYS A 155 8.86 -37.74 22.18
C CYS A 155 9.70 -36.65 22.84
N HIS A 156 10.66 -36.13 22.08
CA HIS A 156 11.61 -35.11 22.51
C HIS A 156 10.95 -33.72 22.40
N ARG A 157 10.91 -33.00 23.52
CA ARG A 157 10.30 -31.67 23.63
C ARG A 157 11.40 -30.62 23.54
N GLN A 158 11.01 -29.37 23.22
CA GLN A 158 11.97 -28.27 23.18
C GLN A 158 11.38 -27.07 23.88
N LEU A 159 12.19 -26.41 24.69
CA LEU A 159 11.84 -25.19 25.38
C LEU A 159 12.96 -24.19 25.15
N LEU A 160 12.64 -22.90 25.31
CA LEU A 160 13.67 -21.88 25.22
C LEU A 160 13.92 -21.35 26.61
N PHE A 161 15.18 -21.05 26.94
CA PHE A 161 15.52 -20.40 28.21
C PHE A 161 16.08 -19.07 27.72
N CYS A 162 15.35 -17.99 28.00
CA CYS A 162 15.53 -16.66 27.41
C CYS A 162 16.01 -15.58 28.31
N ARG A 163 16.70 -14.62 27.71
CA ARG A 163 17.10 -13.40 28.36
C ARG A 163 15.94 -12.43 28.09
N VAL A 164 15.27 -11.97 29.17
CA VAL A 164 14.11 -11.10 29.01
C VAL A 164 14.36 -9.78 29.74
N THR A 165 14.16 -8.64 29.05
CA THR A 165 14.29 -7.29 29.63
C THR A 165 12.93 -6.93 30.15
N LEU A 166 12.78 -6.84 31.48
CA LEU A 166 11.48 -6.46 32.05
C LEU A 166 11.39 -4.97 32.30
N GLY A 167 12.55 -4.32 32.44
CA GLY A 167 12.59 -2.89 32.80
C GLY A 167 11.67 -2.58 33.97
N LYS A 168 10.93 -1.48 33.85
CA LYS A 168 9.93 -1.12 34.87
C LYS A 168 8.72 -2.00 34.64
N SER A 169 8.53 -3.05 35.49
CA SER A 169 7.45 -4.04 35.34
C SER A 169 6.21 -3.73 36.12
N PHE A 170 5.05 -3.72 35.47
CA PHE A 170 3.77 -3.45 36.11
C PHE A 170 3.27 -4.70 36.85
N LEU A 171 3.19 -4.63 38.19
CA LEU A 171 2.75 -5.76 39.02
C LEU A 171 1.23 -5.85 38.97
N GLN A 172 0.70 -6.98 38.53
CA GLN A 172 -0.73 -7.17 38.37
C GLN A 172 -1.12 -8.54 38.94
N PHE A 173 -2.34 -8.67 39.52
CA PHE A 173 -2.82 -9.91 40.16
C PHE A 173 -3.96 -10.55 39.39
N SER A 174 -4.88 -9.72 38.87
CA SER A 174 -6.03 -10.20 38.11
C SER A 174 -5.86 -9.88 36.61
N ALA A 175 -6.71 -10.50 35.77
CA ALA A 175 -6.73 -10.34 34.33
C ALA A 175 -6.84 -8.87 33.93
N MET A 176 -5.98 -8.45 32.99
CA MET A 176 -5.91 -7.07 32.51
C MET A 176 -5.47 -7.14 31.05
N LYS A 177 -6.44 -7.16 30.14
CA LYS A 177 -6.19 -7.26 28.69
C LYS A 177 -5.54 -5.97 28.17
N MET A 178 -4.21 -5.96 28.05
CA MET A 178 -3.40 -4.82 27.57
C MET A 178 -3.09 -5.07 26.10
N ALA A 179 -2.87 -4.01 25.31
CA ALA A 179 -2.38 -4.14 23.95
C ALA A 179 -0.88 -3.87 24.04
N HIS A 180 -0.48 -2.99 24.97
CA HIS A 180 0.91 -2.56 25.16
C HIS A 180 1.19 -2.48 26.63
N SER A 181 2.43 -2.22 27.01
CA SER A 181 2.77 -2.09 28.43
C SER A 181 2.00 -0.88 28.98
N PRO A 182 1.65 -0.89 30.28
CA PRO A 182 1.00 0.30 30.86
C PRO A 182 1.91 1.53 30.73
N PRO A 183 1.33 2.76 30.67
CA PRO A 183 2.17 3.97 30.60
C PRO A 183 3.34 4.00 31.59
N GLY A 184 4.51 4.39 31.13
CA GLY A 184 5.72 4.43 31.95
C GLY A 184 6.35 3.09 32.31
N HIS A 185 5.80 1.95 31.80
CA HIS A 185 6.28 0.60 32.10
C HIS A 185 6.81 -0.11 30.84
N HIS A 186 7.57 -1.21 31.02
CA HIS A 186 8.18 -1.96 29.94
C HIS A 186 7.75 -3.41 29.89
N SER A 187 6.91 -3.82 30.84
CA SER A 187 6.42 -5.21 30.92
C SER A 187 5.39 -5.29 32.01
N VAL A 188 4.71 -6.45 32.09
CA VAL A 188 3.72 -6.79 33.11
C VAL A 188 4.23 -8.08 33.82
N THR A 189 4.18 -8.06 35.16
CA THR A 189 4.47 -9.24 35.99
C THR A 189 3.14 -9.70 36.58
N GLY A 190 2.74 -10.93 36.24
CA GLY A 190 1.55 -11.58 36.79
C GLY A 190 2.00 -12.30 38.04
N ARG A 191 1.54 -11.84 39.22
CA ARG A 191 1.91 -12.42 40.53
C ARG A 191 0.81 -13.39 41.02
N PRO A 192 1.18 -14.52 41.69
CA PRO A 192 0.16 -15.46 42.19
C PRO A 192 -0.79 -14.85 43.25
N SER A 193 -2.06 -15.28 43.23
CA SER A 193 -3.11 -14.87 44.16
C SER A 193 -4.13 -16.01 44.39
N VAL A 194 -4.94 -15.93 45.47
CA VAL A 194 -5.94 -16.93 45.91
C VAL A 194 -6.88 -17.41 44.80
N ASN A 195 -7.60 -16.47 44.16
CA ASN A 195 -8.53 -16.76 43.07
C ASN A 195 -7.94 -16.43 41.68
N GLY A 196 -6.61 -16.35 41.61
CA GLY A 196 -5.90 -16.05 40.38
C GLY A 196 -4.85 -17.08 40.01
N LEU A 197 -3.68 -16.58 39.60
CA LEU A 197 -2.53 -17.38 39.18
C LEU A 197 -1.99 -18.25 40.29
N ALA A 198 -1.60 -19.48 39.92
CA ALA A 198 -0.96 -20.42 40.82
C ALA A 198 0.51 -20.06 40.87
N LEU A 199 1.08 -19.65 39.69
CA LEU A 199 2.49 -19.32 39.53
C LEU A 199 2.67 -18.03 38.73
N ALA A 200 3.82 -17.38 38.89
CA ALA A 200 4.15 -16.13 38.21
C ALA A 200 4.23 -16.29 36.68
N GLU A 201 4.04 -15.19 35.98
CA GLU A 201 4.23 -15.10 34.53
C GLU A 201 4.65 -13.67 34.20
N TYR A 202 5.41 -13.52 33.14
CA TYR A 202 6.02 -12.24 32.72
C TYR A 202 5.66 -11.99 31.29
N VAL A 203 5.14 -10.76 31.02
CA VAL A 203 4.66 -10.40 29.69
C VAL A 203 5.39 -9.17 29.15
N ILE A 204 5.93 -9.27 27.93
CA ILE A 204 6.52 -8.12 27.21
C ILE A 204 5.61 -7.86 25.99
N TYR A 205 5.59 -6.64 25.51
CA TYR A 205 4.71 -6.28 24.41
C TYR A 205 5.50 -5.85 23.14
N ARG A 206 6.81 -6.06 23.16
CA ARG A 206 7.79 -5.79 22.09
C ARG A 206 8.67 -7.01 22.00
N GLY A 207 8.70 -7.65 20.83
CA GLY A 207 9.51 -8.86 20.62
C GLY A 207 11.00 -8.69 20.85
N GLU A 208 11.52 -7.47 20.64
CA GLU A 208 12.95 -7.22 20.81
C GLU A 208 13.37 -7.16 22.29
N GLN A 209 12.40 -7.26 23.22
CA GLN A 209 12.71 -7.30 24.67
C GLN A 209 13.04 -8.69 25.21
N ALA A 210 13.24 -9.65 24.31
CA ALA A 210 13.67 -11.00 24.72
C ALA A 210 14.60 -11.56 23.70
N TYR A 211 15.55 -12.38 24.16
CA TYR A 211 16.50 -13.05 23.31
C TYR A 211 16.46 -14.54 23.62
N PRO A 212 16.19 -15.41 22.60
CA PRO A 212 16.12 -16.88 22.88
C PRO A 212 17.52 -17.46 23.00
N GLU A 213 18.12 -17.40 24.19
CA GLU A 213 19.52 -17.76 24.41
C GLU A 213 19.85 -19.25 24.38
N TYR A 214 18.97 -20.09 24.95
CA TYR A 214 19.21 -21.51 24.97
C TYR A 214 18.02 -22.27 24.47
N LEU A 215 18.30 -23.25 23.61
CA LEU A 215 17.32 -24.21 23.12
C LEU A 215 17.59 -25.50 23.90
N ILE A 216 16.61 -25.94 24.70
CA ILE A 216 16.74 -27.12 25.54
C ILE A 216 15.93 -28.25 24.92
N THR A 217 16.58 -29.40 24.62
CA THR A 217 15.90 -30.58 24.09
C THR A 217 15.82 -31.55 25.27
N TYR A 218 14.61 -32.02 25.57
CA TYR A 218 14.40 -32.81 26.74
C TYR A 218 13.19 -33.73 26.61
N GLN A 219 13.03 -34.59 27.63
CA GLN A 219 11.85 -35.43 27.79
C GLN A 219 11.37 -35.23 29.20
N ILE A 220 10.07 -35.30 29.41
CA ILE A 220 9.55 -35.33 30.78
C ILE A 220 9.78 -36.82 31.20
N MET A 221 10.05 -37.10 32.44
CA MET A 221 10.29 -38.49 32.87
C MET A 221 9.16 -39.02 33.73
N ARG A 222 8.82 -40.28 33.50
CA ARG A 222 7.80 -40.99 34.27
C ARG A 222 8.24 -41.02 35.74
N PRO A 223 7.34 -40.66 36.67
CA PRO A 223 7.72 -40.63 38.10
C PRO A 223 8.16 -41.99 38.66
N GLU A 224 9.02 -41.97 39.69
CA GLU A 224 9.58 -43.18 40.30
C GLU A 224 8.67 -43.74 41.37
N GLN B 20 4.93 28.65 -19.13
CA GLN B 20 4.19 29.28 -20.23
C GLN B 20 4.91 30.48 -20.76
N GLY B 21 4.99 30.57 -22.09
CA GLY B 21 5.64 31.67 -22.79
C GLY B 21 4.95 32.02 -24.08
N SER B 22 5.11 33.25 -24.54
CA SER B 22 4.51 33.70 -25.80
C SER B 22 5.33 33.04 -26.93
N PRO B 23 4.69 32.41 -27.96
CA PRO B 23 5.50 31.82 -29.04
C PRO B 23 5.99 32.92 -29.99
N ASP B 24 6.89 32.58 -30.92
CA ASP B 24 7.34 33.56 -31.92
C ASP B 24 6.17 33.84 -32.91
N ASP B 25 6.23 34.98 -33.63
CA ASP B 25 5.20 35.40 -34.59
C ASP B 25 4.82 34.38 -35.66
N LYS B 26 5.80 33.62 -36.20
CA LYS B 26 5.54 32.56 -37.21
C LYS B 26 4.73 31.39 -36.61
N GLU B 27 5.06 30.97 -35.35
CA GLU B 27 4.35 29.91 -34.61
C GLU B 27 2.94 30.39 -34.29
N PHE B 28 2.80 31.62 -33.74
CA PHE B 28 1.51 32.21 -33.39
C PHE B 28 0.60 32.16 -34.61
N GLN B 29 1.09 32.62 -35.77
CA GLN B 29 0.35 32.68 -37.04
C GLN B 29 -0.06 31.31 -37.54
N SER B 30 0.85 30.34 -37.49
CA SER B 30 0.64 28.95 -37.89
C SER B 30 -0.47 28.30 -37.02
N VAL B 31 -0.40 28.52 -35.69
CA VAL B 31 -1.38 28.00 -34.74
C VAL B 31 -2.74 28.67 -34.96
N GLU B 32 -2.77 30.00 -35.13
CA GLU B 32 -4.02 30.74 -35.41
C GLU B 32 -4.65 30.22 -36.71
N GLU B 33 -3.84 30.03 -37.76
CA GLU B 33 -4.33 29.54 -39.05
C GLU B 33 -4.93 28.14 -38.94
N GLU B 34 -4.28 27.22 -38.17
CA GLU B 34 -4.81 25.87 -37.95
C GLU B 34 -6.16 25.96 -37.22
N MET B 35 -6.24 26.80 -36.22
CA MET B 35 -7.42 27.06 -35.43
C MET B 35 -8.58 27.57 -36.33
N GLN B 36 -8.34 28.63 -37.11
CA GLN B 36 -9.35 29.25 -38.00
C GLN B 36 -9.77 28.37 -39.17
N SER B 37 -8.82 27.82 -39.90
CA SER B 37 -9.10 27.06 -41.10
C SER B 37 -9.75 25.69 -40.90
N THR B 38 -9.69 25.13 -39.67
CA THR B 38 -10.27 23.81 -39.43
C THR B 38 -11.70 23.86 -38.87
N VAL B 39 -12.29 25.08 -38.78
CA VAL B 39 -13.70 25.27 -38.36
C VAL B 39 -14.58 24.61 -39.41
N ARG B 40 -15.60 23.88 -38.95
CA ARG B 40 -16.56 23.20 -39.80
C ARG B 40 -17.96 23.47 -39.28
N GLU B 41 -18.94 23.27 -40.17
CA GLU B 41 -20.37 23.39 -39.84
C GLU B 41 -20.74 22.11 -39.11
N HIS B 42 -21.22 22.23 -37.86
CA HIS B 42 -21.58 21.05 -37.06
C HIS B 42 -23.01 20.57 -37.26
N ARG B 43 -23.20 19.24 -37.31
CA ARG B 43 -24.49 18.53 -37.47
C ARG B 43 -25.53 18.94 -36.42
N ASP B 44 -25.07 19.26 -35.18
CA ASP B 44 -25.94 19.67 -34.08
C ASP B 44 -26.41 21.13 -34.18
N GLY B 45 -26.10 21.79 -35.30
CA GLY B 45 -26.43 23.20 -35.55
C GLY B 45 -25.82 24.21 -34.60
N GLY B 46 -24.75 23.82 -33.91
CA GLY B 46 -24.06 24.68 -32.96
C GLY B 46 -24.57 24.59 -31.55
N HIS B 47 -25.33 23.53 -31.25
CA HIS B 47 -25.91 23.35 -29.91
C HIS B 47 -24.84 23.19 -28.80
N ALA B 48 -23.83 22.34 -29.05
CA ALA B 48 -22.74 22.07 -28.12
C ALA B 48 -21.72 23.22 -27.99
N GLY B 49 -21.20 23.69 -29.12
CA GLY B 49 -20.14 24.69 -29.13
C GLY B 49 -20.47 26.14 -29.45
N GLY B 50 -21.69 26.39 -29.96
CA GLY B 50 -22.11 27.75 -30.32
C GLY B 50 -22.19 28.01 -31.80
N ILE B 51 -22.66 29.20 -32.18
CA ILE B 51 -22.82 29.61 -33.58
C ILE B 51 -21.68 30.60 -33.93
N PHE B 52 -20.88 30.25 -34.94
CA PHE B 52 -19.72 31.04 -35.37
C PHE B 52 -19.10 30.45 -36.61
N ASN B 53 -18.37 31.28 -37.36
CA ASN B 53 -17.61 30.86 -38.54
C ASN B 53 -16.10 31.04 -38.22
N ARG B 54 -15.79 31.88 -37.21
CA ARG B 54 -14.43 32.23 -36.79
C ARG B 54 -14.34 32.53 -35.31
N TYR B 55 -13.11 32.62 -34.85
CA TYR B 55 -12.84 32.93 -33.47
C TYR B 55 -12.16 34.27 -33.39
N ASN B 56 -12.13 34.82 -32.17
CA ASN B 56 -11.30 35.95 -31.85
C ASN B 56 -10.19 35.34 -30.98
N ILE B 57 -9.00 35.11 -31.56
CA ILE B 57 -7.87 34.55 -30.82
C ILE B 57 -7.27 35.63 -29.92
N LEU B 58 -7.37 35.44 -28.61
CA LEU B 58 -6.87 36.42 -27.66
C LEU B 58 -5.41 36.25 -27.28
N LYS B 59 -4.98 34.98 -27.07
CA LYS B 59 -3.63 34.65 -26.63
C LYS B 59 -3.29 33.25 -27.07
N ILE B 60 -2.02 33.02 -27.41
CA ILE B 60 -1.47 31.70 -27.72
C ILE B 60 -0.21 31.60 -26.87
N GLN B 61 -0.17 30.63 -25.95
CA GLN B 61 0.98 30.44 -25.08
C GLN B 61 1.61 29.09 -25.33
N LYS B 62 2.93 29.07 -25.47
CA LYS B 62 3.68 27.83 -25.64
C LYS B 62 3.91 27.26 -24.26
N VAL B 63 3.57 25.96 -24.11
CA VAL B 63 3.71 25.28 -22.83
C VAL B 63 5.07 24.63 -22.79
N CYS B 64 5.84 24.92 -21.73
CA CYS B 64 7.18 24.34 -21.55
C CYS B 64 7.22 23.66 -20.20
N ASN B 65 6.89 22.37 -20.21
CA ASN B 65 6.86 21.56 -19.02
C ASN B 65 7.88 20.45 -19.30
N LYS B 66 9.12 20.63 -18.79
CA LYS B 66 10.23 19.69 -19.03
C LYS B 66 9.92 18.23 -18.64
N LYS B 67 9.27 18.01 -17.49
CA LYS B 67 8.90 16.68 -17.04
C LYS B 67 7.95 15.97 -18.05
N LEU B 68 6.91 16.71 -18.51
CA LEU B 68 5.97 16.21 -19.51
C LEU B 68 6.60 15.98 -20.84
N TRP B 69 7.54 16.86 -21.23
CA TRP B 69 8.22 16.73 -22.51
C TRP B 69 9.14 15.50 -22.52
N GLU B 70 9.81 15.22 -21.37
CA GLU B 70 10.71 14.06 -21.24
C GLU B 70 9.95 12.75 -21.30
N ARG B 71 8.75 12.69 -20.66
CA ARG B 71 7.84 11.53 -20.70
C ARG B 71 7.35 11.33 -22.14
N TYR B 72 6.97 12.43 -22.81
CA TYR B 72 6.47 12.39 -24.18
C TYR B 72 7.53 11.85 -25.17
N THR B 73 8.74 12.45 -25.18
CA THR B 73 9.77 12.01 -26.11
C THR B 73 10.26 10.60 -25.83
N HIS B 74 10.28 10.18 -24.54
CA HIS B 74 10.71 8.82 -24.20
C HIS B 74 9.71 7.83 -24.81
N ARG B 75 8.41 8.09 -24.68
CA ARG B 75 7.37 7.25 -25.25
C ARG B 75 7.40 7.32 -26.79
N ARG B 76 7.60 8.52 -27.35
CA ARG B 76 7.63 8.71 -28.81
C ARG B 76 8.71 7.83 -29.45
N LYS B 77 9.91 7.76 -28.81
CA LYS B 77 11.02 6.92 -29.27
C LYS B 77 10.62 5.43 -29.22
N GLU B 78 9.98 4.97 -28.14
CA GLU B 78 9.50 3.57 -28.01
C GLU B 78 8.50 3.23 -29.11
N VAL B 79 7.53 4.13 -29.36
CA VAL B 79 6.51 3.91 -30.38
C VAL B 79 7.18 3.85 -31.76
N SER B 80 8.07 4.80 -32.03
CA SER B 80 8.81 4.87 -33.29
C SER B 80 9.56 3.55 -33.58
N GLU B 81 10.22 2.97 -32.56
CA GLU B 81 10.91 1.67 -32.65
C GLU B 81 9.97 0.48 -32.91
N GLU B 82 8.73 0.57 -32.43
CA GLU B 82 7.72 -0.47 -32.64
C GLU B 82 6.90 -0.22 -33.92
N ASN B 83 7.10 0.89 -34.60
CA ASN B 83 6.34 1.23 -35.81
C ASN B 83 7.26 1.46 -37.00
N HIS B 84 8.23 0.55 -37.21
CA HIS B 84 9.16 0.59 -38.34
C HIS B 84 9.78 1.96 -38.51
N ASN B 85 10.18 2.58 -37.36
CA ASN B 85 10.84 3.87 -37.29
C ASN B 85 9.93 5.09 -37.55
N HIS B 86 8.59 4.95 -37.43
CA HIS B 86 7.69 6.09 -37.63
C HIS B 86 6.89 6.39 -36.35
N ALA B 87 7.09 7.55 -35.76
CA ALA B 87 6.30 7.97 -34.58
C ALA B 87 4.85 8.25 -34.99
N ASN B 88 4.65 8.71 -36.27
CA ASN B 88 3.32 9.08 -36.77
C ASN B 88 2.73 10.16 -35.86
N GLU B 89 3.51 11.22 -35.65
CA GLU B 89 3.16 12.35 -34.81
C GLU B 89 2.27 13.35 -35.57
N ARG B 90 1.20 13.85 -34.92
CA ARG B 90 0.30 14.85 -35.51
C ARG B 90 0.02 15.97 -34.51
N MET B 91 -0.28 17.18 -35.00
CA MET B 91 -0.68 18.30 -34.14
C MET B 91 -2.19 18.24 -34.13
N LEU B 92 -2.79 18.07 -32.94
CA LEU B 92 -4.26 17.93 -32.82
C LEU B 92 -4.82 18.76 -31.70
N PHE B 93 -6.13 19.06 -31.76
CA PHE B 93 -6.80 19.85 -30.75
C PHE B 93 -7.40 19.02 -29.65
N HIS B 94 -7.47 19.58 -28.45
CA HIS B 94 -8.16 18.94 -27.32
C HIS B 94 -8.88 20.06 -26.55
N GLY B 95 -10.20 19.93 -26.38
CA GLY B 95 -10.98 20.87 -25.58
C GLY B 95 -11.43 20.17 -24.31
N SER B 96 -11.32 20.82 -23.16
CA SER B 96 -11.69 20.22 -21.87
C SER B 96 -11.81 21.31 -20.80
N PRO B 97 -12.70 21.17 -19.80
CA PRO B 97 -12.69 22.14 -18.68
C PRO B 97 -11.42 22.00 -17.82
N PHE B 98 -10.65 20.91 -18.02
CA PHE B 98 -9.47 20.59 -17.21
C PHE B 98 -8.15 20.87 -17.87
N VAL B 99 -8.14 21.82 -18.82
CA VAL B 99 -6.93 22.24 -19.53
C VAL B 99 -5.79 22.68 -18.64
N ASN B 100 -6.10 23.34 -17.51
CA ASN B 100 -5.06 23.80 -16.58
C ASN B 100 -4.39 22.67 -15.81
N ALA B 101 -5.14 21.62 -15.46
CA ALA B 101 -4.57 20.44 -14.84
C ALA B 101 -3.72 19.67 -15.87
N ILE B 102 -4.16 19.62 -17.15
CA ILE B 102 -3.42 18.92 -18.22
C ILE B 102 -2.05 19.55 -18.44
N ILE B 103 -1.99 20.88 -18.45
CA ILE B 103 -0.74 21.63 -18.63
C ILE B 103 0.29 21.33 -17.55
N HIS B 104 -0.17 21.13 -16.33
CA HIS B 104 0.71 20.84 -15.19
C HIS B 104 1.04 19.38 -15.02
N LYS B 105 0.04 18.50 -15.12
CA LYS B 105 0.20 17.07 -14.86
C LYS B 105 0.25 16.17 -16.10
N GLY B 106 -0.18 16.69 -17.25
CA GLY B 106 -0.19 15.93 -18.50
C GLY B 106 -1.52 15.27 -18.68
N PHE B 107 -1.73 14.63 -19.84
CA PHE B 107 -2.96 13.87 -20.11
C PHE B 107 -2.88 12.64 -19.26
N ASP B 108 -4.00 12.23 -18.69
CA ASP B 108 -4.00 11.09 -17.79
C ASP B 108 -5.10 10.14 -18.22
N GLU B 109 -4.73 8.95 -18.72
CA GLU B 109 -5.69 7.94 -19.15
C GLU B 109 -6.55 7.42 -18.01
N ARG B 110 -6.14 7.63 -16.75
CA ARG B 110 -6.97 7.23 -15.61
C ARG B 110 -8.26 8.08 -15.54
N HIS B 111 -8.28 9.23 -16.23
CA HIS B 111 -9.46 10.13 -16.38
C HIS B 111 -9.97 10.06 -17.83
N ALA B 112 -9.73 8.92 -18.51
CA ALA B 112 -10.10 8.70 -19.91
C ALA B 112 -11.61 8.83 -20.11
N TYR B 113 -12.05 9.00 -21.38
CA TYR B 113 -13.46 9.15 -21.73
C TYR B 113 -14.14 7.80 -21.94
N ILE B 114 -14.70 7.19 -20.85
CA ILE B 114 -15.37 5.87 -20.91
C ILE B 114 -16.57 5.86 -21.90
N GLY B 115 -17.33 6.96 -21.91
CA GLY B 115 -18.49 7.13 -22.79
C GLY B 115 -18.12 7.35 -24.25
N GLY B 116 -16.83 7.47 -24.53
CA GLY B 116 -16.35 7.67 -25.87
C GLY B 116 -16.67 6.53 -26.81
N MET B 117 -16.85 6.88 -28.08
CA MET B 117 -17.10 5.97 -29.20
C MET B 117 -16.06 4.87 -29.29
N PHE B 118 -14.78 5.19 -28.95
CA PHE B 118 -13.72 4.19 -28.99
C PHE B 118 -13.23 3.76 -27.58
N GLY B 119 -14.12 3.90 -26.61
CA GLY B 119 -13.84 3.53 -25.23
C GLY B 119 -13.00 4.48 -24.41
N ALA B 120 -12.32 3.89 -23.41
CA ALA B 120 -11.54 4.58 -22.38
C ALA B 120 -10.17 5.14 -22.83
N GLY B 121 -10.21 6.12 -23.72
CA GLY B 121 -9.00 6.78 -24.20
C GLY B 121 -9.06 8.28 -24.04
N ILE B 122 -7.98 8.95 -24.48
CA ILE B 122 -7.82 10.40 -24.49
C ILE B 122 -8.11 10.82 -25.94
N TYR B 123 -9.06 11.72 -26.14
CA TYR B 123 -9.60 12.09 -27.46
C TYR B 123 -9.12 13.43 -27.97
N PHE B 124 -8.82 13.45 -29.28
CA PHE B 124 -8.37 14.64 -30.00
C PHE B 124 -9.12 14.75 -31.31
N ALA B 125 -9.16 15.97 -31.85
CA ALA B 125 -9.78 16.27 -33.13
C ALA B 125 -8.77 16.99 -34.02
N GLU B 126 -8.89 16.85 -35.35
CA GLU B 126 -8.07 17.64 -36.26
C GLU B 126 -8.85 18.95 -36.63
N ASN B 127 -10.11 19.08 -36.20
CA ASN B 127 -10.95 20.28 -36.43
C ASN B 127 -11.13 21.02 -35.12
N SER B 128 -10.68 22.29 -35.04
CA SER B 128 -10.77 23.08 -33.80
C SER B 128 -12.18 23.19 -33.28
N SER B 129 -13.17 23.35 -34.19
CA SER B 129 -14.58 23.49 -33.80
C SER B 129 -15.16 22.22 -33.17
N LYS B 130 -14.60 21.03 -33.50
CA LYS B 130 -15.03 19.78 -32.86
C LYS B 130 -14.56 19.83 -31.38
N SER B 131 -13.28 20.21 -31.15
CA SER B 131 -12.75 20.34 -29.78
C SER B 131 -13.46 21.43 -28.99
N ASN B 132 -13.89 22.52 -29.69
CA ASN B 132 -14.62 23.64 -29.05
C ASN B 132 -15.94 23.16 -28.39
N GLN B 133 -16.54 22.08 -28.92
CA GLN B 133 -17.77 21.47 -28.38
C GLN B 133 -17.59 20.85 -27.01
N TYR B 134 -16.34 20.67 -26.55
CA TYR B 134 -16.03 20.00 -25.28
C TYR B 134 -15.43 20.87 -24.23
N VAL B 135 -15.16 22.13 -24.59
CA VAL B 135 -14.51 23.11 -23.71
C VAL B 135 -15.27 23.30 -22.38
N TYR B 136 -16.60 23.37 -22.43
CA TYR B 136 -17.42 23.53 -21.22
C TYR B 136 -18.01 22.20 -20.67
N GLY B 137 -17.61 21.07 -21.24
CA GLY B 137 -18.06 19.75 -20.82
C GLY B 137 -18.60 18.96 -21.99
N ILE B 138 -19.11 17.73 -21.76
CA ILE B 138 -19.70 16.86 -22.82
C ILE B 138 -20.91 17.56 -23.41
N GLY B 139 -20.94 17.66 -24.74
CA GLY B 139 -22.00 18.37 -25.46
C GLY B 139 -22.07 19.84 -25.06
N GLY B 140 -20.94 20.37 -24.59
CA GLY B 140 -20.82 21.75 -24.14
C GLY B 140 -21.36 22.03 -22.75
N GLY B 141 -21.71 20.96 -22.02
CA GLY B 141 -22.25 21.04 -20.67
C GLY B 141 -23.38 22.06 -20.55
N THR B 142 -23.28 22.94 -19.52
CA THR B 142 -24.26 24.02 -19.32
C THR B 142 -23.69 25.36 -19.83
N GLY B 143 -22.65 25.30 -20.67
CA GLY B 143 -22.01 26.46 -21.26
C GLY B 143 -21.07 27.18 -20.32
N CYS B 144 -20.83 28.47 -20.59
CA CYS B 144 -19.94 29.33 -19.79
C CYS B 144 -20.38 29.39 -18.31
N PRO B 145 -19.44 29.48 -17.33
CA PRO B 145 -19.87 29.52 -15.92
C PRO B 145 -20.69 30.75 -15.50
N VAL B 146 -20.57 31.87 -16.21
CA VAL B 146 -21.23 33.13 -15.85
C VAL B 146 -22.65 33.30 -16.43
N HIS B 147 -22.85 33.01 -17.72
CA HIS B 147 -24.14 33.19 -18.39
C HIS B 147 -24.90 31.89 -18.67
N LYS B 148 -24.29 30.73 -18.38
CA LYS B 148 -24.86 29.40 -18.66
C LYS B 148 -25.27 29.32 -20.15
N ASP B 149 -24.43 29.89 -21.02
CA ASP B 149 -24.62 29.96 -22.46
C ASP B 149 -23.52 29.16 -23.19
N ARG B 150 -23.93 28.15 -23.99
CA ARG B 150 -23.04 27.32 -24.78
C ARG B 150 -22.53 28.10 -25.99
N SER B 151 -23.26 29.17 -26.38
CA SER B 151 -22.86 30.06 -27.48
C SER B 151 -22.39 31.44 -26.99
N CYS B 152 -21.92 31.53 -25.72
CA CYS B 152 -21.44 32.79 -25.14
C CYS B 152 -20.32 33.38 -26.00
N TYR B 153 -20.46 34.68 -26.37
CA TYR B 153 -19.49 35.42 -27.19
C TYR B 153 -18.62 36.31 -26.34
N ILE B 154 -18.92 36.37 -25.05
CA ILE B 154 -18.27 37.21 -24.06
C ILE B 154 -17.16 36.47 -23.31
N CYS B 155 -17.50 35.33 -22.73
CA CYS B 155 -16.58 34.52 -21.93
C CYS B 155 -15.44 33.93 -22.75
N HIS B 156 -14.24 33.97 -22.18
CA HIS B 156 -12.99 33.51 -22.81
C HIS B 156 -12.85 32.01 -22.65
N ARG B 157 -12.66 31.31 -23.78
CA ARG B 157 -12.54 29.85 -23.84
C ARG B 157 -11.07 29.46 -23.96
N GLN B 158 -10.74 28.20 -23.61
CA GLN B 158 -9.36 27.74 -23.78
C GLN B 158 -9.35 26.37 -24.42
N LEU B 159 -8.46 26.16 -25.37
CA LEU B 159 -8.25 24.83 -25.92
C LEU B 159 -6.76 24.55 -26.08
N LEU B 160 -6.39 23.26 -26.16
CA LEU B 160 -4.99 22.89 -26.33
C LEU B 160 -4.73 22.46 -27.75
N PHE B 161 -3.55 22.81 -28.28
CA PHE B 161 -3.13 22.34 -29.60
C PHE B 161 -1.91 21.50 -29.27
N CYS B 162 -2.04 20.19 -29.45
CA CYS B 162 -1.12 19.16 -28.93
C CYS B 162 -0.31 18.40 -29.91
N ARG B 163 0.85 17.95 -29.44
CA ARG B 163 1.69 17.03 -30.20
C ARG B 163 1.21 15.66 -29.77
N VAL B 164 0.72 14.83 -30.72
CA VAL B 164 0.18 13.51 -30.37
C VAL B 164 0.91 12.43 -31.18
N THR B 165 1.43 11.40 -30.48
CA THR B 165 2.08 10.26 -31.12
C THR B 165 1.00 9.23 -31.43
N LEU B 166 0.73 8.99 -32.70
CA LEU B 166 -0.28 7.97 -33.07
C LEU B 166 0.30 6.61 -33.33
N GLY B 167 1.60 6.55 -33.69
CA GLY B 167 2.25 5.29 -34.03
C GLY B 167 1.46 4.51 -35.07
N LYS B 168 1.33 3.19 -34.88
CA LYS B 168 0.51 2.37 -35.78
C LYS B 168 -0.94 2.52 -35.29
N SER B 169 -1.73 3.29 -36.06
CA SER B 169 -3.09 3.66 -35.67
C SER B 169 -4.13 2.72 -36.23
N PHE B 170 -5.00 2.20 -35.37
CA PHE B 170 -6.04 1.26 -35.77
C PHE B 170 -7.21 2.04 -36.36
N LEU B 171 -7.49 1.85 -37.67
CA LEU B 171 -8.55 2.58 -38.33
C LEU B 171 -9.89 1.92 -38.04
N GLN B 172 -10.87 2.74 -37.69
CA GLN B 172 -12.23 2.32 -37.38
C GLN B 172 -13.22 3.29 -37.98
N PHE B 173 -14.35 2.75 -38.42
CA PHE B 173 -15.45 3.53 -39.01
C PHE B 173 -16.63 3.62 -38.05
N SER B 174 -16.81 2.61 -37.21
CA SER B 174 -17.92 2.53 -36.24
C SER B 174 -17.41 2.34 -34.82
N ALA B 175 -18.31 2.46 -33.81
CA ALA B 175 -18.01 2.33 -32.40
C ALA B 175 -17.31 1.04 -32.06
N MET B 176 -16.26 1.15 -31.23
CA MET B 176 -15.45 0.02 -30.78
C MET B 176 -14.91 0.37 -29.39
N LYS B 177 -15.63 -0.05 -28.34
CA LYS B 177 -15.26 0.23 -26.94
C LYS B 177 -13.99 -0.53 -26.53
N MET B 178 -12.85 0.15 -26.57
CA MET B 178 -11.52 -0.39 -26.22
C MET B 178 -11.16 0.06 -24.80
N ALA B 179 -10.34 -0.72 -24.10
CA ALA B 179 -9.79 -0.26 -22.82
C ALA B 179 -8.37 0.25 -23.16
N HIS B 180 -7.71 -0.38 -24.14
CA HIS B 180 -6.33 -0.10 -24.54
C HIS B 180 -6.26 -0.09 -26.05
N SER B 181 -5.09 0.26 -26.61
CA SER B 181 -4.90 0.17 -28.05
C SER B 181 -5.08 -1.28 -28.46
N PRO B 182 -5.58 -1.55 -29.68
CA PRO B 182 -5.63 -2.95 -30.14
C PRO B 182 -4.24 -3.55 -30.23
N PRO B 183 -4.11 -4.90 -30.10
CA PRO B 183 -2.77 -5.51 -30.19
C PRO B 183 -1.97 -5.04 -31.39
N GLY B 184 -0.68 -4.79 -31.19
CA GLY B 184 0.21 -4.29 -32.25
C GLY B 184 0.03 -2.82 -32.65
N HIS B 185 -0.92 -2.10 -32.03
CA HIS B 185 -1.24 -0.69 -32.35
C HIS B 185 -0.94 0.27 -31.18
N HIS B 186 -0.91 1.59 -31.46
CA HIS B 186 -0.58 2.61 -30.47
C HIS B 186 -1.67 3.67 -30.32
N SER B 187 -2.75 3.54 -31.09
CA SER B 187 -3.85 4.48 -31.07
C SER B 187 -4.96 3.96 -31.97
N VAL B 188 -6.09 4.69 -31.94
CA VAL B 188 -7.26 4.44 -32.77
C VAL B 188 -7.58 5.74 -33.52
N THR B 189 -7.90 5.63 -34.82
CA THR B 189 -8.32 6.74 -35.66
C THR B 189 -9.75 6.45 -36.03
N GLY B 190 -10.62 7.34 -35.65
CA GLY B 190 -12.03 7.32 -36.03
C GLY B 190 -12.13 8.10 -37.33
N ARG B 191 -12.36 7.43 -38.47
CA ARG B 191 -12.42 8.05 -39.84
C ARG B 191 -13.90 8.38 -40.23
N PRO B 192 -14.22 9.56 -40.87
CA PRO B 192 -15.62 9.84 -41.23
C PRO B 192 -16.21 8.86 -42.26
N SER B 193 -17.52 8.58 -42.13
CA SER B 193 -18.28 7.68 -43.01
C SER B 193 -19.75 8.15 -43.10
N VAL B 194 -20.52 7.66 -44.12
CA VAL B 194 -21.92 8.01 -44.38
C VAL B 194 -22.87 7.87 -43.18
N ASN B 195 -22.90 6.69 -42.55
CA ASN B 195 -23.74 6.43 -41.38
C ASN B 195 -22.93 6.49 -40.06
N GLY B 196 -21.75 7.10 -40.10
CA GLY B 196 -20.86 7.20 -38.95
C GLY B 196 -20.46 8.61 -38.60
N LEU B 197 -19.17 8.80 -38.30
CA LEU B 197 -18.60 10.09 -37.92
C LEU B 197 -18.70 11.13 -39.03
N ALA B 198 -19.00 12.36 -38.63
CA ALA B 198 -19.05 13.51 -39.53
C ALA B 198 -17.62 13.98 -39.76
N LEU B 199 -16.78 13.94 -38.68
CA LEU B 199 -15.40 14.39 -38.67
C LEU B 199 -14.50 13.39 -37.93
N ALA B 200 -13.21 13.39 -38.25
CA ALA B 200 -12.24 12.51 -37.66
C ALA B 200 -12.06 12.74 -36.16
N GLU B 201 -11.57 11.72 -35.48
CA GLU B 201 -11.15 11.80 -34.09
C GLU B 201 -10.05 10.78 -33.86
N TYR B 202 -9.16 11.08 -32.91
CA TYR B 202 -7.96 10.29 -32.66
C TYR B 202 -7.92 10.01 -31.19
N VAL B 203 -7.63 8.75 -30.84
CA VAL B 203 -7.65 8.29 -29.46
C VAL B 203 -6.33 7.63 -29.09
N ILE B 204 -5.79 8.02 -27.93
CA ILE B 204 -4.60 7.37 -27.39
C ILE B 204 -5.05 6.77 -26.04
N TYR B 205 -4.39 5.74 -25.58
CA TYR B 205 -4.79 5.05 -24.35
C TYR B 205 -3.71 5.13 -23.28
N ARG B 206 -2.66 5.96 -23.53
CA ARG B 206 -1.54 6.25 -22.62
C ARG B 206 -1.36 7.76 -22.68
N GLY B 207 -1.47 8.43 -21.54
CA GLY B 207 -1.34 9.87 -21.45
C GLY B 207 -0.01 10.43 -21.91
N GLU B 208 1.05 9.64 -21.81
CA GLU B 208 2.39 10.07 -22.23
C GLU B 208 2.54 10.12 -23.75
N GLN B 209 1.51 9.71 -24.52
CA GLN B 209 1.55 9.81 -25.98
C GLN B 209 1.07 11.15 -26.53
N ALA B 210 0.87 12.16 -25.65
CA ALA B 210 0.52 13.50 -26.11
C ALA B 210 1.22 14.53 -25.24
N TYR B 211 1.56 15.65 -25.83
CA TYR B 211 2.18 16.76 -25.12
C TYR B 211 1.33 18.02 -25.38
N PRO B 212 0.85 18.71 -24.33
CA PRO B 212 0.00 19.90 -24.55
C PRO B 212 0.89 21.11 -24.89
N GLU B 213 1.25 21.26 -26.15
CA GLU B 213 2.19 22.26 -26.61
C GLU B 213 1.72 23.71 -26.58
N TYR B 214 0.45 23.97 -26.96
CA TYR B 214 -0.05 25.35 -26.99
C TYR B 214 -1.35 25.46 -26.29
N LEU B 215 -1.49 26.51 -25.49
CA LEU B 215 -2.70 26.85 -24.80
C LEU B 215 -3.27 28.07 -25.56
N ILE B 216 -4.45 27.91 -26.17
CA ILE B 216 -5.09 28.95 -26.98
C ILE B 216 -6.24 29.55 -26.19
N THR B 217 -6.21 30.89 -25.96
CA THR B 217 -7.29 31.59 -25.27
C THR B 217 -8.04 32.33 -26.37
N TYR B 218 -9.36 32.13 -26.43
CA TYR B 218 -10.13 32.68 -27.53
C TYR B 218 -11.60 32.89 -27.18
N GLN B 219 -12.32 33.51 -28.13
CA GLN B 219 -13.77 33.67 -28.06
C GLN B 219 -14.32 33.18 -29.37
N ILE B 220 -15.54 32.66 -29.37
CA ILE B 220 -16.15 32.36 -30.67
C ILE B 220 -16.72 33.72 -31.15
N MET B 221 -16.68 34.00 -32.45
CA MET B 221 -17.22 35.29 -32.90
C MET B 221 -18.59 35.23 -33.50
N ARG B 222 -19.45 36.14 -33.01
CA ARG B 222 -20.81 36.30 -33.53
C ARG B 222 -20.75 36.47 -35.06
N PRO B 223 -21.43 35.61 -35.85
CA PRO B 223 -21.36 35.77 -37.31
C PRO B 223 -21.84 37.16 -37.78
N GLU B 224 -21.27 37.65 -38.89
CA GLU B 224 -21.51 38.97 -39.49
C GLU B 224 -22.98 39.42 -39.60
N GLU C 15 12.05 26.41 23.28
CA GLU C 15 13.10 25.54 23.80
C GLU C 15 14.14 25.21 22.72
N ASN C 16 15.24 24.52 23.11
CA ASN C 16 16.33 24.04 22.23
C ASN C 16 15.81 22.99 21.21
N LEU C 17 14.50 22.64 21.30
CA LEU C 17 13.84 21.72 20.39
C LEU C 17 13.23 22.46 19.20
N TYR C 18 12.54 23.61 19.47
CA TYR C 18 11.86 24.41 18.45
C TYR C 18 12.77 25.34 17.66
N PHE C 19 12.72 25.23 16.33
CA PHE C 19 13.51 26.05 15.39
C PHE C 19 12.60 26.68 14.34
N GLN C 20 12.43 28.00 14.48
CA GLN C 20 11.64 28.89 13.62
C GLN C 20 12.08 28.84 12.14
N GLY C 21 11.14 28.57 11.25
CA GLY C 21 11.41 28.52 9.81
C GLY C 21 11.12 29.83 9.10
N SER C 22 11.85 30.12 7.99
CA SER C 22 11.59 31.31 7.19
C SER C 22 10.52 31.03 6.15
N PRO C 23 9.51 31.92 5.98
CA PRO C 23 8.47 31.68 4.96
C PRO C 23 8.97 31.66 3.52
N ASP C 24 10.18 32.21 3.29
CA ASP C 24 10.82 32.26 1.98
C ASP C 24 11.52 30.93 1.63
N ASP C 25 11.71 30.05 2.63
CA ASP C 25 12.33 28.73 2.48
C ASP C 25 11.40 27.80 1.71
N LYS C 26 11.99 26.94 0.85
CA LYS C 26 11.19 26.00 0.06
C LYS C 26 10.59 24.88 0.93
N GLU C 27 11.14 24.71 2.13
CA GLU C 27 10.70 23.75 3.13
C GLU C 27 9.37 24.25 3.74
N PHE C 28 9.32 25.51 4.23
CA PHE C 28 8.12 26.14 4.79
C PHE C 28 6.98 26.13 3.78
N GLN C 29 7.29 26.53 2.53
CA GLN C 29 6.32 26.61 1.43
C GLN C 29 5.71 25.26 1.12
N SER C 30 6.54 24.23 1.12
CA SER C 30 6.14 22.84 0.87
C SER C 30 5.16 22.37 1.97
N VAL C 31 5.46 22.70 3.25
CA VAL C 31 4.61 22.34 4.40
C VAL C 31 3.27 23.10 4.31
N GLU C 32 3.31 24.42 4.00
CA GLU C 32 2.10 25.21 3.84
C GLU C 32 1.23 24.66 2.71
N GLU C 33 1.84 24.32 1.58
CA GLU C 33 1.11 23.77 0.44
C GLU C 33 0.44 22.42 0.76
N GLU C 34 1.13 21.53 1.50
CA GLU C 34 0.55 20.24 1.92
C GLU C 34 -0.64 20.49 2.84
N MET C 35 -0.48 21.42 3.76
CA MET C 35 -1.52 21.82 4.68
C MET C 35 -2.78 22.37 3.93
N GLN C 36 -2.59 23.35 3.03
CA GLN C 36 -3.69 23.96 2.27
C GLN C 36 -4.38 23.02 1.26
N SER C 37 -3.58 22.35 0.45
CA SER C 37 -4.09 21.49 -0.61
C SER C 37 -4.82 20.23 -0.18
N THR C 38 -4.61 19.76 1.08
CA THR C 38 -5.24 18.52 1.52
C THR C 38 -6.56 18.74 2.26
N VAL C 39 -7.05 19.99 2.33
CA VAL C 39 -8.34 20.31 2.94
C VAL C 39 -9.43 19.65 2.12
N ARG C 40 -10.41 19.05 2.79
CA ARG C 40 -11.56 18.42 2.14
C ARG C 40 -12.84 18.82 2.86
N GLU C 41 -13.97 18.63 2.16
CA GLU C 41 -15.31 18.86 2.69
C GLU C 41 -15.64 17.68 3.57
N HIS C 42 -15.90 17.92 4.86
CA HIS C 42 -16.21 16.83 5.79
C HIS C 42 -17.71 16.44 5.85
N ARG C 43 -18.00 15.13 5.89
CA ARG C 43 -19.36 14.56 5.94
C ARG C 43 -20.18 15.04 7.13
N ASP C 44 -19.50 15.39 8.25
CA ASP C 44 -20.15 15.89 9.46
C ASP C 44 -20.57 17.39 9.36
N GLY C 45 -20.37 17.96 8.17
CA GLY C 45 -20.67 19.37 7.87
C GLY C 45 -19.86 20.39 8.65
N GLY C 46 -18.69 19.99 9.14
CA GLY C 46 -17.79 20.84 9.92
C GLY C 46 -18.07 20.83 11.41
N HIS C 47 -18.86 19.86 11.88
CA HIS C 47 -19.21 19.78 13.31
C HIS C 47 -17.98 19.63 14.23
N ALA C 48 -17.09 18.68 13.91
CA ALA C 48 -15.88 18.40 14.69
C ALA C 48 -14.77 19.48 14.56
N GLY C 49 -14.42 19.86 13.34
CA GLY C 49 -13.30 20.78 13.10
C GLY C 49 -13.58 22.20 12.69
N GLY C 50 -14.84 22.48 12.33
CA GLY C 50 -15.24 23.81 11.91
C GLY C 50 -15.54 23.95 10.43
N ILE C 51 -16.09 25.11 10.05
CA ILE C 51 -16.46 25.41 8.67
C ILE C 51 -15.36 26.28 8.07
N PHE C 52 -14.67 25.78 7.03
CA PHE C 52 -13.58 26.50 6.39
C PHE C 52 -13.19 25.83 5.08
N ASN C 53 -12.46 26.56 4.22
CA ASN C 53 -11.92 26.04 2.97
C ASN C 53 -10.40 26.13 2.99
N ARG C 54 -9.85 26.96 3.87
CA ARG C 54 -8.40 27.19 3.95
C ARG C 54 -8.03 27.64 5.34
N TYR C 55 -6.73 27.74 5.58
CA TYR C 55 -6.22 28.16 6.88
C TYR C 55 -5.45 29.44 6.73
N ASN C 56 -5.21 30.08 7.87
CA ASN C 56 -4.26 31.16 7.95
C ASN C 56 -3.07 30.54 8.68
N ILE C 57 -2.00 30.18 7.95
CA ILE C 57 -0.79 29.59 8.57
C ILE C 57 0.01 30.68 9.25
N LEU C 58 0.14 30.60 10.57
CA LEU C 58 0.86 31.62 11.32
C LEU C 58 2.34 31.36 11.52
N LYS C 59 2.69 30.10 11.81
CA LYS C 59 4.07 29.72 12.11
C LYS C 59 4.26 28.26 11.78
N ILE C 60 5.47 27.90 11.33
CA ILE C 60 5.89 26.54 11.06
C ILE C 60 7.24 26.39 11.75
N GLN C 61 7.31 25.51 12.77
CA GLN C 61 8.57 25.29 13.49
C GLN C 61 9.06 23.89 13.23
N LYS C 62 10.36 23.78 12.91
CA LYS C 62 10.99 22.48 12.69
C LYS C 62 11.41 21.96 14.05
N VAL C 63 11.01 20.73 14.36
CA VAL C 63 11.32 20.09 15.64
C VAL C 63 12.63 19.32 15.49
N CYS C 64 13.57 19.57 16.37
CA CYS C 64 14.85 18.88 16.36
C CYS C 64 15.09 18.28 17.73
N ASN C 65 14.68 17.02 17.87
CA ASN C 65 14.80 16.28 19.11
C ASN C 65 15.69 15.08 18.74
N LYS C 66 16.99 15.19 19.06
CA LYS C 66 18.00 14.18 18.71
C LYS C 66 17.64 12.76 19.18
N LYS C 67 17.15 12.63 20.42
CA LYS C 67 16.79 11.33 20.98
C LYS C 67 15.65 10.69 20.17
N LEU C 68 14.61 11.48 19.85
CA LEU C 68 13.48 10.99 19.06
C LEU C 68 13.88 10.65 17.66
N TRP C 69 14.78 11.45 17.05
CA TRP C 69 15.25 11.21 15.69
C TRP C 69 16.07 9.92 15.61
N GLU C 70 16.94 9.65 16.60
CA GLU C 70 17.75 8.42 16.65
C GLU C 70 16.86 7.18 16.82
N ARG C 71 15.83 7.25 17.69
CA ARG C 71 14.87 6.16 17.88
C ARG C 71 14.14 5.90 16.55
N TYR C 72 13.71 6.99 15.87
CA TYR C 72 13.01 6.91 14.60
C TYR C 72 13.84 6.24 13.49
N THR C 73 15.04 6.75 13.23
CA THR C 73 15.87 6.20 12.16
C THR C 73 16.33 4.78 12.44
N HIS C 74 16.52 4.43 13.72
CA HIS C 74 16.90 3.07 14.09
C HIS C 74 15.77 2.11 13.71
N ARG C 75 14.53 2.49 14.05
CA ARG C 75 13.37 1.69 13.70
C ARG C 75 13.13 1.68 12.17
N ARG C 76 13.32 2.81 11.51
CA ARG C 76 13.09 2.93 10.07
C ARG C 76 14.01 1.92 9.30
N LYS C 77 15.27 1.81 9.75
CA LYS C 77 16.25 0.87 9.18
C LYS C 77 15.78 -0.57 9.38
N GLU C 78 15.28 -0.92 10.59
CA GLU C 78 14.74 -2.28 10.86
C GLU C 78 13.55 -2.61 9.95
N VAL C 79 12.61 -1.65 9.79
CA VAL C 79 11.42 -1.86 8.96
C VAL C 79 11.86 -2.07 7.51
N SER C 80 12.78 -1.20 7.01
CA SER C 80 13.31 -1.29 5.63
C SER C 80 13.87 -2.69 5.39
N GLU C 81 14.69 -3.21 6.34
CA GLU C 81 15.29 -4.55 6.25
C GLU C 81 14.27 -5.67 6.21
N GLU C 82 13.11 -5.48 6.84
CA GLU C 82 12.02 -6.46 6.83
C GLU C 82 11.07 -6.25 5.66
N ASN C 83 11.24 -5.17 4.89
CA ASN C 83 10.33 -4.83 3.80
C ASN C 83 11.05 -4.65 2.45
N HIS C 84 12.02 -5.53 2.16
CA HIS C 84 12.82 -5.55 0.93
C HIS C 84 13.54 -4.23 0.68
N ASN C 85 14.11 -3.65 1.75
CA ASN C 85 14.86 -2.40 1.68
C ASN C 85 14.05 -1.15 1.42
N HIS C 86 12.73 -1.21 1.70
CA HIS C 86 11.88 -0.03 1.56
CA HIS C 86 11.82 -0.08 1.50
C HIS C 86 11.09 0.30 2.83
N ALA C 87 11.37 1.49 3.38
CA ALA C 87 10.74 1.98 4.61
C ALA C 87 9.27 2.34 4.40
N ASN C 88 8.89 2.79 3.17
CA ASN C 88 7.56 3.31 2.83
C ASN C 88 7.23 4.47 3.84
N GLU C 89 8.11 5.44 3.87
CA GLU C 89 7.99 6.63 4.71
C GLU C 89 7.08 7.68 4.02
N ARG C 90 6.17 8.30 4.77
CA ARG C 90 5.25 9.34 4.29
C ARG C 90 5.22 10.49 5.28
N MET C 91 4.91 11.70 4.81
CA MET C 91 4.72 12.85 5.67
C MET C 91 3.22 12.90 5.93
N LEU C 92 2.80 12.82 7.20
CA LEU C 92 1.37 12.77 7.53
C LEU C 92 1.05 13.71 8.70
N PHE C 93 -0.22 14.08 8.82
CA PHE C 93 -0.68 15.01 9.85
C PHE C 93 -1.14 14.28 11.10
N HIS C 94 -0.94 14.90 12.26
CA HIS C 94 -1.47 14.41 13.52
C HIS C 94 -2.00 15.61 14.33
N GLY C 95 -3.29 15.56 14.68
CA GLY C 95 -3.89 16.61 15.50
C GLY C 95 -4.19 16.04 16.86
N SER C 96 -3.85 16.78 17.92
CA SER C 96 -4.02 16.31 19.28
C SER C 96 -3.91 17.44 20.29
N PRO C 97 -4.63 17.38 21.43
CA PRO C 97 -4.39 18.37 22.49
C PRO C 97 -3.01 18.13 23.16
N PHE C 98 -2.34 17.02 22.85
CA PHE C 98 -1.07 16.66 23.50
C PHE C 98 0.16 16.85 22.65
N VAL C 99 0.06 17.73 21.64
CA VAL C 99 1.16 18.02 20.71
C VAL C 99 2.47 18.40 21.39
N ASN C 100 2.39 19.17 22.48
CA ASN C 100 3.59 19.59 23.19
C ASN C 100 4.29 18.47 23.95
N ALA C 101 3.55 17.50 24.47
CA ALA C 101 4.13 16.33 25.11
C ALA C 101 4.77 15.40 24.03
N ILE C 102 4.12 15.30 22.84
CA ILE C 102 4.64 14.49 21.73
C ILE C 102 5.99 15.01 21.26
N ILE C 103 6.13 16.34 21.14
CA ILE C 103 7.38 16.97 20.70
C ILE C 103 8.55 16.65 21.63
N HIS C 104 8.28 16.57 22.91
CA HIS C 104 9.31 16.31 23.90
C HIS C 104 9.58 14.81 24.12
N LYS C 105 8.51 14.00 24.26
CA LYS C 105 8.62 12.57 24.59
C LYS C 105 8.41 11.61 23.43
N GLY C 106 7.86 12.09 22.33
CA GLY C 106 7.59 11.25 21.15
C GLY C 106 6.21 10.67 21.24
N PHE C 107 5.75 9.99 20.17
CA PHE C 107 4.47 9.31 20.16
C PHE C 107 4.66 8.06 21.03
N ASP C 108 3.67 7.71 21.81
CA ASP C 108 3.82 6.61 22.74
C ASP C 108 2.61 5.69 22.61
N GLU C 109 2.83 4.46 22.10
CA GLU C 109 1.75 3.47 21.94
C GLU C 109 1.15 3.03 23.30
N ARG C 110 1.85 3.29 24.40
CA ARG C 110 1.33 2.95 25.76
C ARG C 110 0.14 3.85 26.10
N HIS C 111 -0.03 4.96 25.34
CA HIS C 111 -1.17 5.89 25.45
C HIS C 111 -2.17 5.69 24.31
N ALA C 112 -2.12 4.49 23.70
CA ALA C 112 -3.07 3.98 22.74
C ALA C 112 -3.63 2.67 23.41
N GLY C 115 -9.75 0.77 21.12
CA GLY C 115 -9.92 2.22 21.16
C GLY C 115 -10.56 2.87 19.94
N GLY C 116 -9.84 2.93 18.82
CA GLY C 116 -10.32 3.56 17.61
C GLY C 116 -10.62 2.50 16.57
N MET C 117 -10.85 2.89 15.35
CA MET C 117 -11.27 1.99 14.31
C MET C 117 -10.34 0.81 14.08
N PHE C 118 -9.05 1.06 14.17
CA PHE C 118 -8.06 0.02 13.96
C PHE C 118 -7.31 -0.42 15.24
N GLY C 119 -7.96 -0.22 16.37
CA GLY C 119 -7.40 -0.62 17.66
C GLY C 119 -6.39 0.32 18.28
N ALA C 120 -5.54 -0.25 19.11
CA ALA C 120 -4.54 0.42 19.93
C ALA C 120 -3.31 0.90 19.19
N GLY C 121 -3.48 1.87 18.31
CA GLY C 121 -2.36 2.44 17.57
C GLY C 121 -2.32 3.94 17.65
N ILE C 122 -1.35 4.51 16.94
CA ILE C 122 -1.12 5.96 16.83
C ILE C 122 -1.64 6.33 15.42
N TYR C 123 -2.56 7.29 15.34
CA TYR C 123 -3.30 7.62 14.13
C TYR C 123 -2.86 8.89 13.44
N PHE C 124 -2.79 8.82 12.10
CA PHE C 124 -2.40 9.93 11.24
C PHE C 124 -3.35 10.05 10.07
N ALA C 125 -3.39 11.24 9.47
CA ALA C 125 -4.21 11.51 8.28
C ALA C 125 -3.33 12.09 7.17
N GLU C 126 -3.70 11.87 5.90
CA GLU C 126 -3.00 12.56 4.81
C GLU C 126 -3.74 13.86 4.49
N ASN C 127 -4.93 14.09 5.10
CA ASN C 127 -5.67 15.34 4.88
C ASN C 127 -5.57 16.18 6.14
N SER C 128 -4.96 17.37 6.04
CA SER C 128 -4.82 18.26 7.20
C SER C 128 -6.19 18.54 7.92
N SER C 129 -7.28 18.66 7.17
CA SER C 129 -8.60 18.94 7.74
C SER C 129 -9.15 17.78 8.55
N LYS C 130 -8.72 16.54 8.24
CA LYS C 130 -9.14 15.39 9.06
C LYS C 130 -8.42 15.48 10.42
N SER C 131 -7.09 15.76 10.44
CA SER C 131 -6.35 15.93 11.69
C SER C 131 -6.85 17.14 12.49
N ASN C 132 -7.30 18.22 11.77
CA ASN C 132 -7.86 19.40 12.41
C ASN C 132 -9.10 19.06 13.31
N GLN C 133 -9.82 17.99 12.97
CA GLN C 133 -11.00 17.51 13.73
C GLN C 133 -10.65 16.98 15.10
N TYR C 134 -9.36 16.75 15.38
CA TYR C 134 -8.88 16.15 16.63
C TYR C 134 -8.05 17.06 17.50
N VAL C 135 -7.75 18.25 17.01
CA VAL C 135 -6.92 19.23 17.70
C VAL C 135 -7.45 19.57 19.11
N TYR C 136 -8.78 19.74 19.27
CA TYR C 136 -9.38 20.04 20.56
C TYR C 136 -9.95 18.79 21.29
N GLY C 137 -9.69 17.60 20.77
CA GLY C 137 -10.16 16.34 21.33
C GLY C 137 -10.92 15.51 20.32
N ILE C 138 -11.42 14.35 20.75
CA ILE C 138 -12.21 13.43 19.90
C ILE C 138 -13.50 14.13 19.47
N GLY C 139 -13.72 14.16 18.15
CA GLY C 139 -14.85 14.83 17.52
C GLY C 139 -14.84 16.33 17.77
N GLY C 140 -13.63 16.87 17.97
CA GLY C 140 -13.42 18.29 18.24
C GLY C 140 -13.64 18.68 19.69
N GLY C 141 -13.93 17.71 20.56
CA GLY C 141 -14.20 17.94 21.99
C GLY C 141 -15.24 19.03 22.20
N THR C 142 -14.94 19.99 23.11
CA THR C 142 -15.80 21.17 23.36
C THR C 142 -15.24 22.40 22.64
N GLY C 143 -14.39 22.18 21.63
CA GLY C 143 -13.75 23.23 20.86
C GLY C 143 -12.68 23.97 21.63
N CYS C 144 -12.38 25.21 21.22
CA CYS C 144 -11.33 26.05 21.79
C CYS C 144 -11.49 26.32 23.30
N PRO C 145 -10.38 26.47 24.08
CA PRO C 145 -10.52 26.73 25.53
C PRO C 145 -11.21 28.03 25.94
N VAL C 146 -11.12 29.10 25.11
CA VAL C 146 -11.68 30.43 25.44
C VAL C 146 -13.13 30.71 24.98
N HIS C 147 -13.56 30.16 23.86
CA HIS C 147 -14.93 30.40 23.40
C HIS C 147 -15.80 29.13 23.38
N LYS C 148 -15.21 27.96 23.70
CA LYS C 148 -15.87 26.63 23.64
C LYS C 148 -16.51 26.44 22.24
N ASP C 149 -15.80 26.88 21.20
CA ASP C 149 -16.26 26.85 19.82
C ASP C 149 -15.35 25.91 19.00
N ARG C 150 -15.97 24.86 18.39
CA ARG C 150 -15.27 23.89 17.53
C ARG C 150 -14.93 24.54 16.20
N SER C 151 -15.66 25.61 15.83
CA SER C 151 -15.42 26.36 14.61
C SER C 151 -14.77 27.74 14.87
N CYS C 152 -14.08 27.91 16.01
CA CYS C 152 -13.43 29.17 16.35
C CYS C 152 -12.45 29.62 15.27
N TYR C 153 -12.57 30.88 14.80
CA TYR C 153 -11.74 31.47 13.76
C TYR C 153 -10.65 32.34 14.33
N ILE C 154 -10.73 32.57 15.65
CA ILE C 154 -9.88 33.45 16.42
C ILE C 154 -8.71 32.72 17.06
N CYS C 155 -9.00 31.65 17.81
CA CYS C 155 -8.01 30.88 18.57
C CYS C 155 -7.05 30.14 17.66
N HIS C 156 -5.77 30.17 18.05
CA HIS C 156 -4.66 29.58 17.30
C HIS C 156 -4.60 28.08 17.59
N ARG C 157 -4.62 27.28 16.53
CA ARG C 157 -4.58 25.82 16.61
C ARG C 157 -3.18 25.32 16.30
N GLN C 158 -2.88 24.09 16.70
CA GLN C 158 -1.57 23.50 16.39
C GLN C 158 -1.73 22.09 15.92
N LEU C 159 -1.02 21.73 14.88
CA LEU C 159 -0.97 20.36 14.44
C LEU C 159 0.45 19.95 14.10
N LEU C 160 0.70 18.63 14.07
CA LEU C 160 2.03 18.14 13.72
C LEU C 160 2.02 17.62 12.31
N PHE C 161 3.13 17.81 11.57
CA PHE C 161 3.30 17.25 10.25
C PHE C 161 4.50 16.34 10.46
N CYS C 162 4.27 15.03 10.37
CA CYS C 162 5.19 13.99 10.81
C CYS C 162 5.77 13.13 9.77
N ARG C 163 6.98 12.62 10.07
CA ARG C 163 7.61 11.60 9.24
C ARG C 163 7.11 10.27 9.80
N VAL C 164 6.41 9.47 8.99
CA VAL C 164 5.85 8.20 9.47
C VAL C 164 6.37 7.04 8.62
N THR C 165 6.92 5.99 9.27
CA THR C 165 7.39 4.77 8.60
C THR C 165 6.20 3.81 8.53
N LEU C 166 5.71 3.51 7.32
CA LEU C 166 4.57 2.61 7.16
C LEU C 166 4.97 1.18 6.87
N GLY C 167 6.18 0.97 6.33
CA GLY C 167 6.64 -0.35 5.91
C GLY C 167 5.64 -1.02 5.00
N LYS C 168 5.39 -2.33 5.21
CA LYS C 168 4.35 -3.06 4.51
C LYS C 168 3.05 -2.74 5.24
N SER C 169 2.20 -1.94 4.61
CA SER C 169 0.96 -1.48 5.22
C SER C 169 -0.22 -2.33 4.90
N PHE C 170 -0.98 -2.75 5.93
CA PHE C 170 -2.15 -3.59 5.74
C PHE C 170 -3.35 -2.71 5.33
N LEU C 171 -3.85 -2.89 4.09
CA LEU C 171 -4.96 -2.09 3.58
C LEU C 171 -6.27 -2.64 4.10
N GLN C 172 -7.17 -1.77 4.60
CA GLN C 172 -8.41 -2.24 5.21
C GLN C 172 -9.53 -1.19 5.09
N PHE C 173 -10.81 -1.62 4.95
CA PHE C 173 -11.95 -0.68 4.86
C PHE C 173 -12.73 -0.54 6.13
N SER C 174 -13.00 -1.68 6.78
CA SER C 174 -13.85 -1.73 7.97
C SER C 174 -13.05 -1.90 9.26
N ALA C 175 -13.69 -1.63 10.40
CA ALA C 175 -13.10 -1.70 11.73
C ALA C 175 -12.41 -3.04 11.98
N MET C 176 -11.18 -2.96 12.53
CA MET C 176 -10.35 -4.12 12.81
C MET C 176 -9.51 -3.76 14.04
N LYS C 177 -10.02 -4.10 15.24
CA LYS C 177 -9.35 -3.81 16.50
C LYS C 177 -8.07 -4.64 16.67
N MET C 178 -6.92 -4.04 16.35
CA MET C 178 -5.60 -4.67 16.43
C MET C 178 -4.93 -4.18 17.72
N ALA C 179 -4.04 -5.00 18.29
CA ALA C 179 -3.19 -4.55 19.38
C ALA C 179 -1.86 -4.13 18.73
N HIS C 180 -1.47 -4.82 17.66
CA HIS C 180 -0.18 -4.63 16.96
C HIS C 180 -0.43 -4.70 15.49
N SER C 181 0.60 -4.50 14.69
CA SER C 181 0.46 -4.61 13.23
C SER C 181 0.01 -6.02 12.90
N PRO C 182 -0.75 -6.28 11.79
CA PRO C 182 -1.01 -7.66 11.41
C PRO C 182 0.31 -8.39 11.11
N PRO C 183 0.37 -9.73 11.29
CA PRO C 183 1.59 -10.47 10.93
C PRO C 183 2.17 -10.08 9.57
N GLY C 184 3.49 -9.95 9.50
CA GLY C 184 4.21 -9.56 8.29
C GLY C 184 4.08 -8.10 7.85
N HIS C 185 3.32 -7.26 8.63
CA HIS C 185 3.04 -5.85 8.30
C HIS C 185 3.60 -4.90 9.36
N HIS C 186 3.71 -3.61 9.04
CA HIS C 186 4.29 -2.61 9.94
C HIS C 186 3.35 -1.47 10.26
N SER C 187 2.13 -1.51 9.70
CA SER C 187 1.11 -0.49 9.87
C SER C 187 -0.19 -0.96 9.25
N VAL C 188 -1.23 -0.17 9.44
CA VAL C 188 -2.54 -0.35 8.87
C VAL C 188 -2.92 0.93 8.15
N THR C 189 -3.47 0.79 6.91
CA THR C 189 -3.99 1.95 6.18
C THR C 189 -5.48 1.72 6.05
N GLY C 190 -6.23 2.63 6.61
CA GLY C 190 -7.66 2.64 6.51
C GLY C 190 -8.01 3.35 5.21
N ARG C 191 -8.62 2.64 4.26
CA ARG C 191 -8.95 3.22 2.94
C ARG C 191 -10.40 3.68 2.85
N PRO C 192 -10.72 4.74 2.09
CA PRO C 192 -12.13 5.15 1.99
C PRO C 192 -13.01 4.15 1.24
N SER C 193 -14.29 4.10 1.62
CA SER C 193 -15.33 3.27 1.00
C SER C 193 -16.70 3.93 1.20
N VAL C 194 -17.71 3.52 0.40
CA VAL C 194 -19.08 4.10 0.41
C VAL C 194 -19.73 4.17 1.81
N ASN C 195 -19.79 3.01 2.47
CA ASN C 195 -20.38 2.88 3.80
C ASN C 195 -19.32 2.79 4.90
N GLY C 196 -18.10 3.25 4.61
CA GLY C 196 -16.98 3.24 5.54
C GLY C 196 -16.35 4.59 5.74
N LEU C 197 -15.00 4.65 5.71
CA LEU C 197 -14.23 5.91 5.86
C LEU C 197 -14.49 6.89 4.73
N ALA C 198 -14.59 8.16 5.04
CA ALA C 198 -14.77 9.22 4.05
C ALA C 198 -13.38 9.51 3.45
N LEU C 199 -12.33 9.45 4.33
CA LEU C 199 -10.93 9.76 3.98
C LEU C 199 -10.00 8.74 4.62
N ALA C 200 -8.79 8.59 4.04
CA ALA C 200 -7.77 7.67 4.52
C ALA C 200 -7.29 8.00 5.94
N GLU C 201 -6.74 6.98 6.61
CA GLU C 201 -6.06 7.13 7.90
C GLU C 201 -5.00 6.06 7.98
N TYR C 202 -3.92 6.33 8.73
CA TYR C 202 -2.75 5.47 8.82
C TYR C 202 -2.48 5.24 10.29
N VAL C 203 -2.24 3.99 10.65
CA VAL C 203 -2.04 3.60 12.05
C VAL C 203 -0.73 2.82 12.19
N ILE C 204 0.07 3.22 13.16
CA ILE C 204 1.30 2.54 13.54
C ILE C 204 1.09 2.05 14.99
N TYR C 205 1.78 0.99 15.37
CA TYR C 205 1.59 0.37 16.68
C TYR C 205 2.83 0.45 17.56
N ARG C 206 3.81 1.22 17.12
CA ARG C 206 5.08 1.49 17.77
C ARG C 206 5.30 2.99 17.64
N GLY C 207 5.43 3.69 18.76
CA GLY C 207 5.66 5.12 18.76
C GLY C 207 6.92 5.58 18.05
N GLU C 208 7.92 4.73 18.00
CA GLU C 208 9.19 5.05 17.35
C GLU C 208 9.08 5.02 15.80
N GLN C 209 7.91 4.62 15.24
CA GLN C 209 7.68 4.62 13.79
C GLN C 209 7.20 5.95 13.25
N ALA C 210 7.23 7.01 14.08
CA ALA C 210 6.90 8.37 13.65
C ALA C 210 7.81 9.38 14.32
N TYR C 211 8.10 10.45 13.62
CA TYR C 211 8.90 11.52 14.16
C TYR C 211 8.12 12.85 13.97
N PRO C 212 7.84 13.64 15.03
CA PRO C 212 7.07 14.88 14.87
C PRO C 212 7.96 16.00 14.33
N GLU C 213 8.10 16.06 13.02
CA GLU C 213 9.04 16.96 12.35
C GLU C 213 8.66 18.46 12.34
N TYR C 214 7.38 18.77 12.15
CA TYR C 214 6.97 20.18 12.10
C TYR C 214 5.79 20.42 12.98
N LEU C 215 5.83 21.53 13.68
CA LEU C 215 4.75 22.01 14.50
C LEU C 215 4.16 23.22 13.73
N ILE C 216 2.90 23.10 13.29
CA ILE C 216 2.22 24.14 12.52
C ILE C 216 1.23 24.89 13.39
N THR C 217 1.37 26.22 13.48
CA THR C 217 0.47 27.07 14.24
C THR C 217 -0.40 27.79 13.20
N TYR C 218 -1.72 27.67 13.36
CA TYR C 218 -2.62 28.17 12.34
C TYR C 218 -4.00 28.51 12.87
N GLN C 219 -4.81 29.10 12.00
CA GLN C 219 -6.23 29.35 12.26
C GLN C 219 -7.01 28.79 11.09
N ILE C 220 -8.24 28.31 11.33
CA ILE C 220 -9.13 27.96 10.22
C ILE C 220 -9.71 29.31 9.77
N MET C 221 -9.98 29.48 8.46
CA MET C 221 -10.55 30.77 8.01
C MET C 221 -12.03 30.69 7.67
N ARG C 222 -12.77 31.74 8.06
CA ARG C 222 -14.19 31.88 7.76
C ARG C 222 -14.34 31.91 6.24
N PRO C 223 -15.20 31.05 5.65
CA PRO C 223 -15.36 31.07 4.18
C PRO C 223 -15.82 32.43 3.68
N GLU C 224 -15.29 32.87 2.52
CA GLU C 224 -15.59 34.17 1.91
C GLU C 224 -16.98 34.23 1.29
N PHE D 28 17.27 -19.59 -5.53
CA PHE D 28 16.34 -20.61 -6.03
C PHE D 28 15.52 -21.30 -4.94
N GLN D 29 16.14 -21.62 -3.77
CA GLN D 29 15.46 -22.21 -2.61
C GLN D 29 14.34 -21.29 -2.13
N SER D 30 14.59 -19.97 -2.15
CA SER D 30 13.65 -18.93 -1.79
C SER D 30 12.40 -18.98 -2.72
N VAL D 31 12.61 -19.15 -4.03
CA VAL D 31 11.54 -19.27 -5.02
C VAL D 31 10.74 -20.57 -4.79
N GLU D 32 11.44 -21.72 -4.56
CA GLU D 32 10.76 -22.99 -4.28
C GLU D 32 9.89 -22.87 -3.03
N GLU D 33 10.43 -22.24 -1.98
CA GLU D 33 9.72 -22.04 -0.72
C GLU D 33 8.45 -21.18 -0.89
N GLU D 34 8.56 -20.07 -1.67
CA GLU D 34 7.40 -19.22 -1.98
C GLU D 34 6.32 -20.03 -2.73
N MET D 35 6.77 -20.82 -3.69
CA MET D 35 5.92 -21.68 -4.49
C MET D 35 5.15 -22.70 -3.58
N GLN D 36 5.90 -23.47 -2.76
CA GLN D 36 5.33 -24.49 -1.86
C GLN D 36 4.43 -23.93 -0.75
N SER D 37 4.93 -22.93 -0.03
CA SER D 37 4.24 -22.38 1.12
C SER D 37 2.95 -21.59 0.84
N THR D 38 2.75 -21.12 -0.40
CA THR D 38 1.57 -20.32 -0.72
C THR D 38 0.39 -21.13 -1.28
N VAL D 39 0.53 -22.47 -1.31
CA VAL D 39 -0.54 -23.36 -1.77
C VAL D 39 -1.69 -23.25 -0.78
N ARG D 40 -2.92 -23.18 -1.32
CA ARG D 40 -4.14 -23.09 -0.52
C ARG D 40 -5.17 -24.07 -1.06
N GLU D 41 -6.16 -24.38 -0.22
CA GLU D 41 -7.28 -25.25 -0.54
C GLU D 41 -8.26 -24.39 -1.35
N HIS D 42 -8.55 -24.79 -2.60
CA HIS D 42 -9.45 -24.02 -3.45
C HIS D 42 -10.93 -24.42 -3.32
N ARG D 43 -11.82 -23.40 -3.27
CA ARG D 43 -13.28 -23.55 -3.13
C ARG D 43 -13.91 -24.39 -4.22
N ASP D 44 -13.32 -24.37 -5.44
CA ASP D 44 -13.80 -25.14 -6.58
C ASP D 44 -13.46 -26.65 -6.49
N GLY D 45 -12.88 -27.07 -5.36
CA GLY D 45 -12.48 -28.44 -5.08
C GLY D 45 -11.43 -29.01 -6.01
N GLY D 46 -10.61 -28.13 -6.57
CA GLY D 46 -9.55 -28.46 -7.51
C GLY D 46 -10.00 -28.66 -8.93
N HIS D 47 -11.20 -28.13 -9.31
CA HIS D 47 -11.73 -28.26 -10.67
C HIS D 47 -10.83 -27.58 -11.73
N ALA D 48 -10.41 -26.34 -11.46
CA ALA D 48 -9.58 -25.56 -12.37
C ALA D 48 -8.12 -25.99 -12.43
N GLY D 49 -7.44 -26.06 -11.29
CA GLY D 49 -6.01 -26.36 -11.22
C GLY D 49 -5.59 -27.77 -10.85
N GLY D 50 -6.51 -28.57 -10.30
CA GLY D 50 -6.24 -29.93 -9.88
C GLY D 50 -6.25 -30.13 -8.38
N ILE D 51 -6.18 -31.41 -7.97
CA ILE D 51 -6.16 -31.78 -6.54
C ILE D 51 -4.71 -32.05 -6.12
N PHE D 52 -4.18 -31.28 -5.14
CA PHE D 52 -2.79 -31.38 -4.67
C PHE D 52 -2.56 -30.58 -3.40
N ASN D 53 -1.49 -30.89 -2.69
CA ASN D 53 -1.08 -30.12 -1.49
C ASN D 53 0.31 -29.53 -1.67
N ARG D 54 1.06 -30.06 -2.64
CA ARG D 54 2.42 -29.61 -2.93
C ARG D 54 2.77 -29.90 -4.36
N TYR D 55 3.92 -29.38 -4.79
CA TYR D 55 4.38 -29.57 -6.16
C TYR D 55 5.63 -30.37 -6.18
N ASN D 56 5.97 -30.87 -7.35
CA ASN D 56 7.27 -31.45 -7.60
C ASN D 56 7.96 -30.40 -8.47
N ILE D 57 8.84 -29.57 -7.89
CA ILE D 57 9.55 -28.50 -8.63
C ILE D 57 10.65 -29.15 -9.46
N LEU D 58 10.53 -29.07 -10.78
CA LEU D 58 11.52 -29.67 -11.68
C LEU D 58 12.68 -28.75 -12.04
N LYS D 59 12.38 -27.47 -12.31
CA LYS D 59 13.39 -26.50 -12.74
C LYS D 59 12.94 -25.11 -12.36
N ILE D 60 13.90 -24.23 -12.02
CA ILE D 60 13.69 -22.80 -11.78
C ILE D 60 14.74 -22.08 -12.61
N GLN D 61 14.30 -21.26 -13.59
CA GLN D 61 15.22 -20.54 -14.44
C GLN D 61 15.04 -19.04 -14.24
N LYS D 62 16.15 -18.31 -14.08
CA LYS D 62 16.11 -16.86 -13.95
C LYS D 62 16.05 -16.31 -15.37
N VAL D 63 15.10 -15.40 -15.61
CA VAL D 63 14.92 -14.74 -16.89
C VAL D 63 15.75 -13.44 -16.86
N CYS D 64 16.64 -13.30 -17.83
CA CYS D 64 17.50 -12.12 -17.94
C CYS D 64 17.24 -11.53 -19.32
N ASN D 65 16.28 -10.62 -19.39
CA ASN D 65 15.92 -9.95 -20.62
C ASN D 65 16.19 -8.46 -20.34
N LYS D 66 17.39 -7.98 -20.71
CA LYS D 66 17.83 -6.60 -20.46
C LYS D 66 16.86 -5.52 -20.96
N LYS D 67 16.27 -5.70 -22.14
CA LYS D 67 15.29 -4.77 -22.71
C LYS D 67 14.04 -4.66 -21.81
N LEU D 68 13.50 -5.81 -21.36
CA LEU D 68 12.32 -5.84 -20.50
C LEU D 68 12.64 -5.28 -19.13
N TRP D 69 13.85 -5.53 -18.62
CA TRP D 69 14.27 -5.03 -17.34
C TRP D 69 14.36 -3.49 -17.35
N GLU D 70 14.91 -2.90 -18.41
CA GLU D 70 15.01 -1.44 -18.48
C GLU D 70 13.64 -0.79 -18.62
N ARG D 71 12.72 -1.42 -19.35
CA ARG D 71 11.36 -0.92 -19.55
C ARG D 71 10.65 -0.94 -18.17
N TYR D 72 10.86 -2.02 -17.41
CA TYR D 72 10.33 -2.18 -16.07
C TYR D 72 10.87 -1.12 -15.10
N THR D 73 12.20 -0.99 -14.99
CA THR D 73 12.80 -0.05 -14.03
C THR D 73 12.50 1.40 -14.39
N HIS D 74 12.32 1.68 -15.68
CA HIS D 74 11.97 3.04 -16.12
C HIS D 74 10.59 3.41 -15.55
N ARG D 75 9.62 2.49 -15.69
CA ARG D 75 8.28 2.70 -15.18
C ARG D 75 8.27 2.70 -13.65
N ARG D 76 9.05 1.79 -13.03
CA ARG D 76 9.12 1.70 -11.56
C ARG D 76 9.54 3.04 -10.94
N LYS D 77 10.55 3.70 -11.56
CA LYS D 77 11.04 5.02 -11.12
C LYS D 77 9.92 6.07 -11.23
N GLU D 78 9.16 6.09 -12.35
CA GLU D 78 8.05 7.03 -12.52
C GLU D 78 6.96 6.82 -11.44
N VAL D 79 6.60 5.54 -11.18
CA VAL D 79 5.55 5.23 -10.18
C VAL D 79 6.05 5.68 -8.81
N SER D 80 7.29 5.35 -8.48
CA SER D 80 7.93 5.71 -7.22
C SER D 80 7.81 7.24 -6.99
N GLU D 81 8.19 8.03 -8.00
CA GLU D 81 8.11 9.51 -7.97
C GLU D 81 6.70 10.03 -7.76
N GLU D 82 5.68 9.31 -8.26
CA GLU D 82 4.27 9.69 -8.08
C GLU D 82 3.72 9.16 -6.77
N ASN D 83 4.46 8.25 -6.12
CA ASN D 83 3.98 7.60 -4.92
C ASN D 83 4.90 7.81 -3.73
N HIS D 84 5.23 9.10 -3.43
CA HIS D 84 6.07 9.47 -2.28
CA HIS D 84 6.07 9.46 -2.27
C HIS D 84 7.35 8.63 -2.20
N ASN D 85 7.99 8.38 -3.37
CA ASN D 85 9.22 7.61 -3.46
C ASN D 85 9.07 6.13 -3.03
N HIS D 86 7.86 5.58 -3.16
CA HIS D 86 7.61 4.17 -2.83
C HIS D 86 7.01 3.44 -4.06
N ALA D 87 7.77 2.51 -4.65
CA ALA D 87 7.32 1.77 -5.84
C ALA D 87 6.23 0.76 -5.45
N ASN D 88 6.27 0.26 -4.18
CA ASN D 88 5.38 -0.80 -3.68
C ASN D 88 5.54 -2.04 -4.61
N GLU D 89 6.77 -2.46 -4.76
CA GLU D 89 7.12 -3.62 -5.56
C GLU D 89 6.92 -4.93 -4.76
N ARG D 90 6.35 -5.96 -5.41
CA ARG D 90 6.07 -7.27 -4.81
C ARG D 90 6.49 -8.37 -5.77
N MET D 91 6.78 -9.55 -5.24
CA MET D 91 7.04 -10.74 -6.07
C MET D 91 5.73 -11.50 -6.13
N LEU D 92 5.16 -11.69 -7.35
CA LEU D 92 3.86 -12.34 -7.48
C LEU D 92 3.87 -13.38 -8.58
N PHE D 93 2.92 -14.31 -8.54
CA PHE D 93 2.85 -15.35 -9.54
C PHE D 93 1.93 -14.98 -10.68
N HIS D 94 2.21 -15.56 -11.83
CA HIS D 94 1.37 -15.43 -13.01
C HIS D 94 1.37 -16.75 -13.74
N GLY D 95 0.18 -17.30 -13.95
CA GLY D 95 0.04 -18.53 -14.70
C GLY D 95 -0.70 -18.24 -15.98
N SER D 96 -0.22 -18.77 -17.10
CA SER D 96 -0.90 -18.59 -18.38
C SER D 96 -0.32 -19.51 -19.44
N PRO D 97 -1.09 -19.80 -20.49
CA PRO D 97 -0.56 -20.61 -21.60
C PRO D 97 0.47 -19.86 -22.45
N PHE D 98 0.61 -18.54 -22.24
CA PHE D 98 1.49 -17.70 -23.04
C PHE D 98 2.79 -17.26 -22.36
N VAL D 99 3.23 -18.06 -21.38
CA VAL D 99 4.43 -17.76 -20.60
C VAL D 99 5.69 -17.54 -21.46
N ASN D 100 5.82 -18.31 -22.57
CA ASN D 100 6.99 -18.16 -23.43
C ASN D 100 7.00 -16.87 -24.25
N ALA D 101 5.82 -16.38 -24.66
CA ALA D 101 5.71 -15.09 -25.34
C ALA D 101 6.01 -13.94 -24.33
N ILE D 102 5.55 -14.10 -23.06
CA ILE D 102 5.77 -13.10 -22.00
C ILE D 102 7.25 -12.91 -21.72
N ILE D 103 8.00 -14.02 -21.65
CA ILE D 103 9.44 -14.01 -21.38
C ILE D 103 10.23 -13.23 -22.45
N HIS D 104 9.81 -13.33 -23.71
CA HIS D 104 10.49 -12.68 -24.82
CA HIS D 104 10.51 -12.65 -24.80
C HIS D 104 10.01 -11.23 -25.03
N LYS D 105 8.68 -11.01 -25.02
CA LYS D 105 8.08 -9.70 -25.30
C LYS D 105 7.60 -8.88 -24.10
N GLY D 106 7.43 -9.52 -22.95
CA GLY D 106 6.91 -8.87 -21.75
C GLY D 106 5.40 -8.97 -21.69
N PHE D 107 4.81 -8.50 -20.59
CA PHE D 107 3.36 -8.48 -20.41
C PHE D 107 2.84 -7.34 -21.29
N ASP D 108 1.68 -7.53 -21.88
CA ASP D 108 1.14 -6.53 -22.79
C ASP D 108 -0.32 -6.29 -22.46
N GLU D 109 -0.66 -5.09 -21.97
CA GLU D 109 -2.05 -4.76 -21.61
C GLU D 109 -2.99 -4.75 -22.82
N ARG D 110 -2.43 -4.65 -24.03
CA ARG D 110 -3.26 -4.70 -25.25
C ARG D 110 -3.87 -6.12 -25.43
N HIS D 111 -3.34 -7.11 -24.70
CA HIS D 111 -3.85 -8.50 -24.65
C HIS D 111 -4.58 -8.78 -23.31
N ALA D 112 -4.90 -7.75 -22.57
CA ALA D 112 -5.47 -7.96 -21.26
C ALA D 112 -6.76 -8.70 -21.47
N ILE D 114 -11.27 -6.99 -20.69
CA ILE D 114 -11.36 -8.42 -20.55
C ILE D 114 -12.51 -8.84 -19.58
N GLY D 115 -12.90 -10.12 -19.56
CA GLY D 115 -13.94 -10.55 -18.63
C GLY D 115 -13.46 -10.75 -17.21
N GLY D 116 -12.25 -10.24 -16.92
CA GLY D 116 -11.64 -10.29 -15.59
C GLY D 116 -12.45 -9.48 -14.61
N MET D 117 -12.45 -9.91 -13.34
CA MET D 117 -13.21 -9.25 -12.28
C MET D 117 -12.94 -7.75 -12.18
N PHE D 118 -11.68 -7.34 -12.42
CA PHE D 118 -11.31 -5.93 -12.33
C PHE D 118 -11.01 -5.29 -13.67
N GLY D 119 -11.60 -5.87 -14.70
CA GLY D 119 -11.50 -5.38 -16.07
C GLY D 119 -10.23 -5.71 -16.81
N ALA D 120 -9.88 -4.81 -17.72
CA ALA D 120 -8.82 -4.98 -18.68
C ALA D 120 -7.42 -4.77 -18.14
N GLY D 121 -6.97 -5.67 -17.28
CA GLY D 121 -5.64 -5.59 -16.71
C GLY D 121 -4.88 -6.89 -16.81
N ILE D 122 -3.66 -6.88 -16.27
CA ILE D 122 -2.74 -8.03 -16.22
C ILE D 122 -2.82 -8.50 -14.77
N TYR D 123 -3.14 -9.78 -14.57
CA TYR D 123 -3.47 -10.35 -13.26
C TYR D 123 -2.39 -11.21 -12.66
N PHE D 124 -2.18 -11.03 -11.34
CA PHE D 124 -1.19 -11.76 -10.55
C PHE D 124 -1.82 -12.24 -9.24
N ALA D 125 -1.22 -13.27 -8.63
CA ALA D 125 -1.71 -13.82 -7.35
C ALA D 125 -0.54 -13.92 -6.41
N GLU D 126 -0.80 -13.81 -5.11
CA GLU D 126 0.26 -14.01 -4.14
C GLU D 126 0.29 -15.53 -3.72
N ASN D 127 -0.68 -16.32 -4.17
CA ASN D 127 -0.76 -17.77 -3.89
C ASN D 127 -0.44 -18.52 -5.17
N SER D 128 0.65 -19.33 -5.19
CA SER D 128 1.01 -20.09 -6.40
C SER D 128 -0.12 -20.95 -6.93
N SER D 129 -0.92 -21.55 -6.02
CA SER D 129 -2.02 -22.44 -6.42
C SER D 129 -3.15 -21.71 -7.13
N LYS D 130 -3.31 -20.39 -6.85
CA LYS D 130 -4.30 -19.59 -7.57
C LYS D 130 -3.82 -19.42 -9.03
N SER D 131 -2.53 -19.05 -9.23
CA SER D 131 -1.96 -18.91 -10.57
C SER D 131 -1.93 -20.23 -11.32
N ASN D 132 -1.76 -21.35 -10.59
CA ASN D 132 -1.78 -22.71 -11.18
C ASN D 132 -3.13 -23.02 -11.89
N GLN D 133 -4.23 -22.40 -11.42
CA GLN D 133 -5.56 -22.55 -12.00
C GLN D 133 -5.69 -21.95 -13.40
N TYR D 134 -4.68 -21.17 -13.84
CA TYR D 134 -4.72 -20.45 -15.12
C TYR D 134 -3.71 -20.90 -16.12
N VAL D 135 -2.82 -21.81 -15.72
CA VAL D 135 -1.74 -22.34 -16.56
C VAL D 135 -2.25 -22.92 -17.90
N TYR D 136 -3.37 -23.66 -17.88
CA TYR D 136 -3.95 -24.24 -19.09
C TYR D 136 -5.11 -23.41 -19.66
N GLY D 137 -5.34 -22.22 -19.09
CA GLY D 137 -6.37 -21.28 -19.53
C GLY D 137 -7.31 -20.83 -18.42
N ILE D 138 -8.39 -20.11 -18.78
CA ILE D 138 -9.39 -19.63 -17.79
C ILE D 138 -10.13 -20.82 -17.22
N GLY D 139 -10.12 -20.92 -15.88
CA GLY D 139 -10.71 -22.04 -15.13
C GLY D 139 -10.02 -23.34 -15.47
N GLY D 140 -8.75 -23.26 -15.87
CA GLY D 140 -7.94 -24.40 -16.27
C GLY D 140 -8.17 -24.90 -17.68
N GLY D 141 -9.01 -24.20 -18.44
CA GLY D 141 -9.35 -24.56 -19.82
C GLY D 141 -9.77 -26.02 -19.94
N THR D 142 -9.20 -26.73 -20.93
CA THR D 142 -9.45 -28.17 -21.14
C THR D 142 -8.31 -29.01 -20.53
N GLY D 143 -7.55 -28.38 -19.63
CA GLY D 143 -6.40 -28.98 -18.96
C GLY D 143 -5.21 -29.12 -19.87
N CYS D 144 -4.34 -30.09 -19.55
CA CYS D 144 -3.11 -30.41 -20.28
C CYS D 144 -3.37 -30.69 -21.79
N PRO D 145 -2.43 -30.37 -22.70
CA PRO D 145 -2.70 -30.65 -24.13
C PRO D 145 -2.84 -32.14 -24.47
N VAL D 146 -2.05 -32.99 -23.79
CA VAL D 146 -1.99 -34.44 -24.00
C VAL D 146 -3.22 -35.21 -23.49
N HIS D 147 -3.37 -35.33 -22.16
CA HIS D 147 -4.43 -36.09 -21.50
C HIS D 147 -5.76 -35.33 -21.32
N LYS D 148 -5.81 -34.03 -21.72
CA LYS D 148 -7.00 -33.16 -21.55
C LYS D 148 -7.54 -33.22 -20.11
N ASP D 149 -6.60 -33.22 -19.13
CA ASP D 149 -6.85 -33.34 -17.71
C ASP D 149 -6.35 -32.09 -16.98
N ARG D 150 -7.27 -31.42 -16.26
CA ARG D 150 -6.97 -30.21 -15.47
C ARG D 150 -6.20 -30.58 -14.21
N SER D 151 -6.33 -31.85 -13.77
CA SER D 151 -5.61 -32.37 -12.60
C SER D 151 -4.48 -33.33 -12.99
N CYS D 152 -3.95 -33.23 -14.22
CA CYS D 152 -2.86 -34.08 -14.72
C CYS D 152 -1.65 -33.98 -13.78
N TYR D 153 -1.13 -35.14 -13.34
CA TYR D 153 0.02 -35.24 -12.45
C TYR D 153 1.26 -35.58 -13.22
N ILE D 154 1.11 -35.85 -14.51
CA ILE D 154 2.14 -36.28 -15.45
C ILE D 154 2.76 -35.10 -16.20
N CYS D 155 1.93 -34.30 -16.85
CA CYS D 155 2.38 -33.17 -17.66
C CYS D 155 3.03 -32.05 -16.84
N HIS D 156 4.13 -31.53 -17.38
CA HIS D 156 4.95 -30.49 -16.77
C HIS D 156 4.32 -29.13 -17.02
N ARG D 157 4.07 -28.40 -15.93
CA ARG D 157 3.43 -27.08 -15.96
C ARG D 157 4.49 -25.99 -15.82
N GLN D 158 4.16 -24.77 -16.24
CA GLN D 158 5.08 -23.65 -16.08
C GLN D 158 4.34 -22.44 -15.53
N LEU D 159 4.99 -21.74 -14.65
CA LEU D 159 4.46 -20.58 -13.96
C LEU D 159 5.57 -19.52 -13.94
N LEU D 160 5.18 -18.22 -13.88
CA LEU D 160 6.16 -17.13 -13.76
C LEU D 160 6.10 -16.57 -12.36
N PHE D 161 7.25 -16.25 -11.77
CA PHE D 161 7.30 -15.59 -10.47
C PHE D 161 7.89 -14.22 -10.84
N CYS D 162 7.07 -13.17 -10.73
CA CYS D 162 7.33 -11.83 -11.27
C CYS D 162 7.55 -10.73 -10.29
N ARG D 163 8.31 -9.73 -10.72
CA ARG D 163 8.51 -8.49 -9.98
C ARG D 163 7.39 -7.57 -10.48
N VAL D 164 6.48 -7.13 -9.58
CA VAL D 164 5.35 -6.30 -9.98
C VAL D 164 5.38 -4.96 -9.19
N THR D 165 5.26 -3.83 -9.90
CA THR D 165 5.18 -2.51 -9.31
C THR D 165 3.71 -2.21 -9.08
N LEU D 166 3.30 -2.13 -7.81
CA LEU D 166 1.89 -1.85 -7.49
C LEU D 166 1.62 -0.38 -7.24
N GLY D 167 2.64 0.38 -6.85
CA GLY D 167 2.48 1.80 -6.51
C GLY D 167 1.37 2.01 -5.51
N LYS D 168 0.54 3.06 -5.67
CA LYS D 168 -0.61 3.23 -4.80
C LYS D 168 -1.71 2.29 -5.35
N SER D 169 -1.98 1.23 -4.61
CA SER D 169 -2.89 0.19 -5.06
C SER D 169 -4.32 0.42 -4.56
N PHE D 170 -5.30 0.42 -5.47
CA PHE D 170 -6.71 0.61 -5.13
C PHE D 170 -7.28 -0.66 -4.55
N LEU D 171 -7.74 -0.57 -3.30
CA LEU D 171 -8.37 -1.73 -2.63
C LEU D 171 -9.82 -1.91 -3.13
N GLN D 172 -10.17 -3.11 -3.63
CA GLN D 172 -11.50 -3.39 -4.16
C GLN D 172 -11.96 -4.83 -3.84
N PHE D 173 -13.19 -4.97 -3.32
CA PHE D 173 -13.78 -6.26 -2.92
C PHE D 173 -14.70 -6.85 -3.96
N SER D 174 -15.54 -6.02 -4.56
CA SER D 174 -16.49 -6.50 -5.56
C SER D 174 -15.98 -6.22 -6.97
N ALA D 175 -16.60 -6.85 -7.99
CA ALA D 175 -16.26 -6.66 -9.41
C ALA D 175 -16.35 -5.19 -9.80
N MET D 176 -15.31 -4.71 -10.49
CA MET D 176 -15.19 -3.32 -10.90
C MET D 176 -14.42 -3.34 -12.21
N LYS D 177 -15.15 -3.36 -13.34
CA LYS D 177 -14.55 -3.39 -14.68
C LYS D 177 -13.87 -2.05 -14.98
N MET D 178 -12.54 -2.00 -14.81
CA MET D 178 -11.70 -0.82 -15.03
C MET D 178 -11.05 -0.99 -16.40
N ALA D 179 -10.75 0.12 -17.07
CA ALA D 179 -9.94 0.05 -18.27
C ALA D 179 -8.50 0.35 -17.83
N HIS D 180 -8.36 1.20 -16.81
CA HIS D 180 -7.07 1.70 -16.32
C HIS D 180 -7.13 1.72 -14.82
N SER D 181 -6.01 2.02 -14.17
CA SER D 181 -6.03 2.18 -12.71
C SER D 181 -6.97 3.34 -12.35
N PRO D 182 -7.63 3.28 -11.19
CA PRO D 182 -8.43 4.43 -10.75
C PRO D 182 -7.56 5.70 -10.64
N PRO D 183 -8.15 6.90 -10.83
CA PRO D 183 -7.35 8.15 -10.66
C PRO D 183 -6.49 8.15 -9.39
N GLY D 184 -5.24 8.61 -9.53
CA GLY D 184 -4.26 8.66 -8.44
C GLY D 184 -3.68 7.33 -7.99
N HIS D 185 -4.04 6.22 -8.66
CA HIS D 185 -3.59 4.87 -8.31
C HIS D 185 -2.78 4.24 -9.45
N HIS D 186 -2.05 3.15 -9.15
CA HIS D 186 -1.16 2.50 -10.15
C HIS D 186 -1.47 1.01 -10.33
N SER D 187 -2.45 0.50 -9.53
CA SER D 187 -2.86 -0.90 -9.58
C SER D 187 -4.17 -1.08 -8.79
N VAL D 188 -4.72 -2.28 -8.85
CA VAL D 188 -5.90 -2.69 -8.09
C VAL D 188 -5.51 -3.93 -7.28
N THR D 189 -5.84 -3.96 -5.98
CA THR D 189 -5.71 -5.12 -5.08
C THR D 189 -7.15 -5.65 -4.84
N GLY D 190 -7.43 -6.86 -5.34
CA GLY D 190 -8.69 -7.56 -5.14
C GLY D 190 -8.56 -8.32 -3.84
N ARG D 191 -9.40 -8.00 -2.87
CA ARG D 191 -9.34 -8.61 -1.54
C ARG D 191 -10.46 -9.64 -1.37
N PRO D 192 -10.21 -10.70 -0.57
CA PRO D 192 -11.28 -11.71 -0.36
C PRO D 192 -12.50 -11.19 0.40
N SER D 193 -13.70 -11.65 0.00
CA SER D 193 -14.99 -11.29 0.59
C SER D 193 -15.99 -12.47 0.49
N VAL D 194 -17.11 -12.39 1.27
CA VAL D 194 -18.20 -13.39 1.37
C VAL D 194 -18.74 -13.86 0.02
N ASN D 195 -19.24 -12.91 -0.79
CA ASN D 195 -19.80 -13.18 -2.12
C ASN D 195 -18.82 -12.83 -3.25
N GLY D 196 -17.54 -12.74 -2.91
CA GLY D 196 -16.51 -12.43 -3.89
C GLY D 196 -15.38 -13.43 -3.92
N LEU D 197 -14.15 -12.90 -3.94
CA LEU D 197 -12.91 -13.64 -4.03
C LEU D 197 -12.64 -14.52 -2.85
N ALA D 198 -12.07 -15.69 -3.13
CA ALA D 198 -11.64 -16.62 -2.10
C ALA D 198 -10.25 -16.19 -1.63
N LEU D 199 -9.42 -15.69 -2.58
CA LEU D 199 -8.04 -15.26 -2.33
C LEU D 199 -7.73 -13.94 -3.06
N ALA D 200 -6.69 -13.23 -2.60
CA ALA D 200 -6.23 -11.97 -3.19
C ALA D 200 -5.78 -12.09 -4.65
N GLU D 201 -5.85 -10.98 -5.38
CA GLU D 201 -5.35 -10.86 -6.74
C GLU D 201 -4.95 -9.42 -6.96
N TYR D 202 -3.95 -9.20 -7.82
CA TYR D 202 -3.32 -7.90 -8.08
C TYR D 202 -3.39 -7.64 -9.55
N VAL D 203 -3.86 -6.45 -9.92
CA VAL D 203 -4.05 -6.11 -11.33
C VAL D 203 -3.30 -4.84 -11.67
N ILE D 204 -2.51 -4.89 -12.75
CA ILE D 204 -1.81 -3.71 -13.30
C ILE D 204 -2.45 -3.45 -14.67
N TYR D 205 -2.40 -2.22 -15.13
CA TYR D 205 -3.05 -1.86 -16.39
C TYR D 205 -2.06 -1.35 -17.42
N ARG D 206 -0.77 -1.55 -17.16
CA ARG D 206 0.39 -1.21 -17.99
C ARG D 206 1.33 -2.39 -17.90
N GLY D 207 1.63 -3.01 -19.05
CA GLY D 207 2.53 -4.17 -19.11
C GLY D 207 3.92 -3.94 -18.58
N GLU D 208 4.39 -2.69 -18.69
CA GLU D 208 5.74 -2.37 -18.21
C GLU D 208 5.84 -2.31 -16.68
N GLN D 209 4.71 -2.48 -15.94
CA GLN D 209 4.72 -2.53 -14.48
C GLN D 209 5.01 -3.91 -13.89
N ALA D 210 5.41 -4.86 -14.72
CA ALA D 210 5.81 -6.19 -14.27
C ALA D 210 7.00 -6.71 -15.06
N TYR D 211 7.84 -7.51 -14.40
CA TYR D 211 8.99 -8.11 -15.03
C TYR D 211 8.95 -9.63 -14.74
N PRO D 212 8.94 -10.52 -15.79
CA PRO D 212 8.89 -11.98 -15.54
C PRO D 212 10.25 -12.53 -15.11
N GLU D 213 10.55 -12.47 -13.83
CA GLU D 213 11.87 -12.81 -13.29
C GLU D 213 12.26 -14.29 -13.26
N TYR D 214 11.32 -15.18 -12.91
CA TYR D 214 11.60 -16.62 -12.84
C TYR D 214 10.58 -17.43 -13.56
N LEU D 215 11.06 -18.44 -14.29
CA LEU D 215 10.23 -19.40 -14.97
C LEU D 215 10.34 -20.72 -14.17
N ILE D 216 9.22 -21.18 -13.60
CA ILE D 216 9.19 -22.37 -12.74
C ILE D 216 8.55 -23.54 -13.49
N THR D 217 9.27 -24.66 -13.62
CA THR D 217 8.75 -25.86 -14.31
C THR D 217 8.45 -26.84 -13.19
N TYR D 218 7.20 -27.33 -13.16
CA TYR D 218 6.77 -28.17 -12.05
C TYR D 218 5.63 -29.12 -12.41
N GLN D 219 5.28 -29.97 -11.44
CA GLN D 219 4.11 -30.84 -11.53
C GLN D 219 3.34 -30.66 -10.25
N ILE D 220 2.01 -30.77 -10.30
CA ILE D 220 1.23 -30.78 -9.05
C ILE D 220 1.36 -32.26 -8.58
N MET D 221 1.38 -32.50 -7.28
CA MET D 221 1.51 -33.89 -6.81
C MET D 221 0.25 -34.45 -6.23
N ARG D 222 -0.04 -35.73 -6.60
CA ARG D 222 -1.18 -36.49 -6.08
C ARG D 222 -1.00 -36.57 -4.57
N PRO D 223 -1.95 -36.09 -3.74
CA PRO D 223 -1.76 -36.20 -2.28
C PRO D 223 -1.87 -37.66 -1.78
N GLU D 224 -1.46 -37.93 -0.50
CA GLU D 224 -1.50 -39.24 0.17
C GLU D 224 -0.96 -40.41 -0.67
ZN ZN E . 5.01 -39.01 21.59
CAJ 09L F . 6.69 -17.61 16.09
CAK 09L F . 5.68 -16.69 15.53
CAI 09L F . 5.58 -17.15 16.95
CAL 09L F . 6.13 -16.18 18.07
OAB 09L F . 6.87 -15.16 17.87
NAE 09L F . 5.81 -16.48 19.48
CAM 09L F . 6.25 -15.62 20.56
CAO 09L F . 5.06 -15.05 21.23
CAN 09L F . 4.97 -17.54 19.97
CAP 09L F . 3.72 -16.88 20.40
NAF 09L F . 4.02 -16.01 21.52
CAQ 09L F . 3.34 -16.01 22.82
OAC 09L F . 3.78 -15.29 23.71
CAR 09L F . 2.22 -16.98 23.20
CAS 09L F . 2.15 -17.38 24.58
CAU 09L F . 1.26 -17.44 22.26
FAA 09L F . 1.25 -17.05 20.96
CAX 09L F . 0.27 -18.36 22.66
CAW 09L F . 0.25 -18.76 24.01
CAT 09L F . 1.20 -18.28 24.96
CAV 09L F . 1.08 -18.82 26.42
CAY 09L F . 2.45 -19.25 26.98
CAZ 09L F . 2.84 -19.00 28.35
CBB 09L F . 1.94 -18.35 29.33
CBE 09L F . 2.39 -18.05 30.62
CBF 09L F . 3.69 -18.45 31.02
CBD 09L F . 4.55 -19.14 30.09
CBA 09L F . 4.11 -19.42 28.77
CBC 09L F . 4.96 -20.10 27.85
OAD 09L F . 6.08 -20.50 28.16
NAH 09L F . 4.56 -20.32 26.58
NAG 09L F . 3.29 -19.88 26.14
C1 GOL G . -1.97 -17.34 30.37
O1 GOL G . -1.95 -15.96 30.71
C2 GOL G . -2.95 -18.10 31.24
O2 GOL G . -4.29 -17.62 31.02
C3 GOL G . -2.62 -18.05 32.71
O3 GOL G . -1.25 -18.38 32.94
C1 GOL H . -6.61 -17.41 33.50
O1 GOL H . -5.59 -16.62 34.11
C2 GOL H . -6.26 -18.88 33.56
O2 GOL H . -7.18 -19.61 32.73
C3 GOL H . -6.32 -19.42 34.97
O3 GOL H . -5.25 -18.91 35.76
ZN ZN I . -20.42 33.76 -20.66
CAJ 09L J . -7.09 16.57 -16.25
CAK 09L J . -7.40 15.32 -15.50
CAI 09L J . -8.00 15.55 -16.85
CAL 09L J . -7.31 14.81 -18.07
OAB 09L J . -6.15 14.31 -18.02
NAE 09L J . -8.00 14.69 -19.35
CAM 09L J . -7.39 13.98 -20.45
CAO 09L J . -8.25 12.86 -20.91
CAN 09L J . -9.34 15.17 -19.63
CAP 09L J . -10.17 13.95 -19.91
NAF 09L J . -9.65 13.23 -21.07
CAQ 09L J . -10.42 12.94 -22.29
OAC 09L J . -9.88 12.41 -23.25
CAR 09L J . -11.90 13.25 -22.47
CAS 09L J . -12.42 13.42 -23.80
CAU 09L J . -12.79 13.18 -21.37
FAA 09L J . -12.34 12.92 -20.11
CAX 09L J . -14.16 13.44 -21.54
CAW 09L J . -14.62 13.71 -22.85
CAT 09L J . -13.76 13.66 -23.97
CAV 09L J . -14.39 13.96 -25.36
CAY 09L J . -13.55 14.98 -26.17
CAZ 09L J . -13.39 14.88 -27.59
CBB 09L J . -14.02 13.79 -28.36
CBE 09L J . -13.76 13.66 -29.74
CBF 09L J . -12.93 14.61 -30.36
CBD 09L J . -12.34 15.70 -29.65
CBA 09L J . -12.57 15.83 -28.25
CBC 09L J . -11.96 16.90 -27.50
OAD 09L J . -11.24 17.77 -28.02
NAH 09L J . -12.20 17.00 -26.18
NAG 09L J . -12.98 16.03 -25.52
C1 GOL K . -17.67 11.25 -30.87
O1 GOL K . -18.78 11.48 -31.70
C2 GOL K . -18.09 10.68 -29.53
O2 GOL K . -19.04 9.64 -29.73
C3 GOL K . -16.89 10.12 -28.80
O3 GOL K . -16.00 11.15 -28.40
C1 GOL L . -21.79 12.97 -28.98
O1 GOL L . -21.44 14.00 -29.88
C2 GOL L . -20.93 13.02 -27.74
O2 GOL L . -21.09 14.29 -27.11
C3 GOL L . -21.32 11.92 -26.78
O3 GOL L . -20.81 10.66 -27.21
ZN ZN M . -11.74 30.46 20.43
CAJ 09L N . 1.45 12.13 24.79
CAK 09L N . 0.69 11.12 25.57
CAI 09L N . 0.19 11.56 24.24
CAL 09L N . 0.43 10.46 23.11
OAB 09L N . 1.60 10.03 22.83
NAE 09L N . -0.73 9.90 22.37
CAM 09L N . -0.48 8.92 21.35
CAO 09L N . -1.14 9.38 20.09
CAN 09L N . -2.14 10.27 22.51
CAP 09L N . -3.11 9.66 21.52
NAF 09L N . -2.56 9.27 20.23
CAQ 09L N . -3.32 8.76 19.08
OAC 09L N . -2.71 8.48 18.07
CAR 09L N . -4.83 8.53 18.95
CAS 09L N . -5.55 9.40 18.05
CAU 09L N . -5.43 7.33 19.40
FAA 09L N . -4.76 6.47 20.18
CAX 09L N . -6.79 7.05 19.11
CAW 09L N . -7.50 7.95 18.29
CAT 09L N . -6.86 9.13 17.77
CAV 09L N . -7.69 10.06 16.86
CAY 09L N . -6.85 10.87 15.84
CAZ 09L N . -6.87 10.65 14.40
CBB 09L N . -7.66 9.57 13.79
CBE 09L N . -7.59 9.37 12.40
CBF 09L N . -6.83 10.23 11.59
CBD 09L N . -6.05 11.29 12.16
CBA 09L N . -6.11 11.51 13.58
CBC 09L N . -5.38 12.60 14.20
OAD 09L N . -4.72 13.42 13.55
NAH 09L N . -5.37 12.75 15.54
NAG 09L N . -6.16 11.91 16.32
C1 GOL O . 9.51 -6.69 15.07
O1 GOL O . 8.89 -7.69 15.88
C2 GOL O . 8.64 -6.24 13.93
O2 GOL O . 9.39 -5.38 13.06
C3 GOL O . 7.40 -5.52 14.39
O3 GOL O . 6.74 -4.88 13.29
ZN ZN P . -1.36 -34.42 -19.11
CAJ 09L Q . 1.50 -12.71 -24.23
CAK 09L Q . 0.71 -11.81 -25.12
CAI 09L Q . 0.11 -12.34 -23.86
CAL 09L Q . 0.02 -11.29 -22.67
OAB 09L Q . 0.90 -10.38 -22.49
NAE 09L Q . -1.12 -11.33 -21.71
CAM 09L Q . -1.18 -10.37 -20.64
CAO 09L Q . -1.48 -11.11 -19.39
CAN 09L Q . -2.23 -12.29 -21.74
CAP 09L Q . -3.27 -12.21 -20.65
NAF 09L Q . -2.82 -11.65 -19.39
CAQ 09L Q . -3.59 -11.58 -18.14
OAC 09L Q . -3.05 -11.08 -17.18
CAR 09L Q . -5.03 -12.04 -17.83
CAS 09L Q . -5.16 -13.09 -16.85
CAU 09L Q . -6.16 -11.32 -18.22
FAA 09L Q . -6.06 -10.30 -19.07
CAX 09L Q . -7.45 -11.71 -17.79
CAW 09L Q . -7.56 -12.80 -16.89
CAT 09L Q . -6.39 -13.47 -16.43
CAV 09L Q . -6.57 -14.66 -15.45
CAY 09L Q . -5.33 -14.96 -14.57
CAZ 09L Q . -5.28 -14.72 -13.14
CBB 09L Q . -6.39 -14.07 -12.39
CBE 09L Q . -6.24 -13.74 -11.01
CBF 09L Q . -5.05 -14.10 -10.33
CBD 09L Q . -3.97 -14.74 -11.04
CBA 09L Q . -4.09 -15.02 -12.44
CBC 09L Q . -3.00 -15.68 -13.15
OAD 09L Q . -1.95 -16.02 -12.57
NAH 09L Q . -3.11 -15.93 -14.47
NAG 09L Q . -4.29 -15.59 -15.17
#